data_7DA4
# 
_entry.id   7DA4 
# 
_audit_conform.dict_name       mmcif_pdbx.dic 
_audit_conform.dict_version    5.387 
_audit_conform.dict_location   http://mmcif.pdb.org/dictionaries/ascii/mmcif_pdbx.dic 
# 
loop_
_database_2.database_id 
_database_2.database_code 
_database_2.pdbx_database_accession 
_database_2.pdbx_DOI 
PDB   7DA4         pdb_00007da4 10.2210/pdb7da4/pdb 
WWPDB D_1300019012 ?            ?                   
EMDB  EMD-30622    ?            ?                   
# 
loop_
_pdbx_audit_revision_history.ordinal 
_pdbx_audit_revision_history.data_content_type 
_pdbx_audit_revision_history.major_revision 
_pdbx_audit_revision_history.minor_revision 
_pdbx_audit_revision_history.revision_date 
1 'Structure model' 1 0 2021-04-28 
2 'Structure model' 1 1 2024-03-27 
# 
_pdbx_audit_revision_details.ordinal             1 
_pdbx_audit_revision_details.revision_ordinal    1 
_pdbx_audit_revision_details.data_content_type   'Structure model' 
_pdbx_audit_revision_details.provider            repository 
_pdbx_audit_revision_details.type                'Initial release' 
_pdbx_audit_revision_details.description         ? 
_pdbx_audit_revision_details.details             ? 
# 
loop_
_pdbx_audit_revision_group.ordinal 
_pdbx_audit_revision_group.revision_ordinal 
_pdbx_audit_revision_group.data_content_type 
_pdbx_audit_revision_group.group 
1 2 'Structure model' 'Data collection'     
2 2 'Structure model' 'Database references' 
# 
loop_
_pdbx_audit_revision_category.ordinal 
_pdbx_audit_revision_category.revision_ordinal 
_pdbx_audit_revision_category.data_content_type 
_pdbx_audit_revision_category.category 
1 2 'Structure model' chem_comp_atom 
2 2 'Structure model' chem_comp_bond 
3 2 'Structure model' database_2     
# 
loop_
_pdbx_audit_revision_item.ordinal 
_pdbx_audit_revision_item.revision_ordinal 
_pdbx_audit_revision_item.data_content_type 
_pdbx_audit_revision_item.item 
1 2 'Structure model' '_database_2.pdbx_DOI'                
2 2 'Structure model' '_database_2.pdbx_database_accession' 
# 
_pdbx_database_status.status_code                     REL 
_pdbx_database_status.status_code_sf                  ? 
_pdbx_database_status.status_code_mr                  ? 
_pdbx_database_status.entry_id                        7DA4 
_pdbx_database_status.recvd_initial_deposition_date   2020-10-14 
_pdbx_database_status.SG_entry                        N 
_pdbx_database_status.deposit_site                    PDBJ 
_pdbx_database_status.process_site                    PDBJ 
_pdbx_database_status.status_code_cs                  ? 
_pdbx_database_status.status_code_nmr_data            ? 
_pdbx_database_status.methods_development_category    ? 
_pdbx_database_status.pdb_format_compatible           Y 
# 
_pdbx_database_related.db_name        EMDB 
_pdbx_database_related.details        'Cryo-EM structure of amyloid fibril formed by human RIPK3' 
_pdbx_database_related.db_id          EMD-30622 
_pdbx_database_related.content_type   'associated EM volume' 
# 
loop_
_audit_author.name 
_audit_author.pdbx_ordinal 
_audit_author.identifier_ORCID 
'Zhao, K.'  1 ? 
'Ma, Y.Y.'  2 ? 
'Sun, Y.P.' 3 ? 
'Li, D.'    4 ? 
'Liu, C.'   5 ? 
# 
_citation.abstract                  ? 
_citation.abstract_id_CAS           ? 
_citation.book_id_ISBN              ? 
_citation.book_publisher            ? 
_citation.book_publisher_city       ? 
_citation.book_title                ? 
_citation.coordinate_linkage        ? 
_citation.country                   US 
_citation.database_id_Medline       ? 
_citation.details                   ? 
_citation.id                        primary 
_citation.journal_abbrev            Proc.Natl.Acad.Sci.USA 
_citation.journal_id_ASTM           PNASA6 
_citation.journal_id_CSD            0040 
_citation.journal_id_ISSN           1091-6490 
_citation.journal_full              ? 
_citation.journal_issue             ? 
_citation.journal_volume            118 
_citation.language                  ? 
_citation.page_first                ? 
_citation.page_last                 ? 
_citation.title                     
'The structure of a minimum amyloid fibril core formed by necroptosis-mediating RHIM of human RIPK3.' 
_citation.year                      2021 
_citation.database_id_CSD           ? 
_citation.pdbx_database_id_DOI      10.1073/pnas.2022933118 
_citation.pdbx_database_id_PubMed   33790016 
_citation.unpublished_flag          ? 
# 
loop_
_citation_author.citation_id 
_citation_author.name 
_citation_author.ordinal 
_citation_author.identifier_ORCID 
primary 'Wu, X.'    1  ?                   
primary 'Ma, Y.'    2  ?                   
primary 'Zhao, K.'  3  ?                   
primary 'Zhang, J.' 4  ?                   
primary 'Sun, Y.'   5  0000-0001-6301-3333 
primary 'Li, Y.'    6  ?                   
primary 'Dong, X.'  7  ?                   
primary 'Hu, H.'    8  ?                   
primary 'Liu, J.'   9  ?                   
primary 'Wang, J.'  10 0000-0002-6545-3663 
primary 'Zhang, X.' 11 ?                   
primary 'Li, B.'    12 ?                   
primary 'Wang, H.'  13 ?                   
primary 'Li, D.'    14 0000-0002-1609-1539 
primary 'Sun, B.'   15 0000-0002-4590-7795 
primary 'Lu, J.'    16 0000-0002-4270-5821 
primary 'Liu, C.'   17 0000-0003-3425-6672 
# 
_entity.id                         1 
_entity.type                       polymer 
_entity.src_method                 man 
_entity.pdbx_description           'Receptor-interacting serine/threonine-protein kinase 3' 
_entity.formula_weight             15311.755 
_entity.pdbx_number_of_molecules   3 
_entity.pdbx_ec                    2.7.11.1 
_entity.pdbx_mutation              ? 
_entity.pdbx_fragment              'C-terminal domain' 
_entity.details                    ? 
# 
_entity_name_com.entity_id   1 
_entity_name_com.name        'RIP-like protein kinase 3,Receptor-interacting protein 3,RIP-3' 
# 
_entity_poly.entity_id                      1 
_entity_poly.type                           'polypeptide(L)' 
_entity_poly.nstd_linkage                   no 
_entity_poly.nstd_monomer                   no 
_entity_poly.pdbx_seq_one_letter_code       
;MGSSDSMAQPPQTPETSTFRNQMPSPTSTGTPSPGPRGNQGAERQGMNWSCRTPEPNPVTGRPLVNIYNCSGVQVGDNNY
LTMQQTTALPTWGLAPSGKGRGLQHPPPVGSQEGPKDPEAWSRPQGWYNHSGKLEHHHHHH
;
_entity_poly.pdbx_seq_one_letter_code_can   
;MGSSDSMAQPPQTPETSTFRNQMPSPTSTGTPSPGPRGNQGAERQGMNWSCRTPEPNPVTGRPLVNIYNCSGVQVGDNNY
LTMQQTTALPTWGLAPSGKGRGLQHPPPVGSQEGPKDPEAWSRPQGWYNHSGKLEHHHHHH
;
_entity_poly.pdbx_strand_id                 B,A,C 
_entity_poly.pdbx_target_identifier         ? 
# 
loop_
_entity_poly_seq.entity_id 
_entity_poly_seq.num 
_entity_poly_seq.mon_id 
_entity_poly_seq.hetero 
1 1   MET n 
1 2   GLY n 
1 3   SER n 
1 4   SER n 
1 5   ASP n 
1 6   SER n 
1 7   MET n 
1 8   ALA n 
1 9   GLN n 
1 10  PRO n 
1 11  PRO n 
1 12  GLN n 
1 13  THR n 
1 14  PRO n 
1 15  GLU n 
1 16  THR n 
1 17  SER n 
1 18  THR n 
1 19  PHE n 
1 20  ARG n 
1 21  ASN n 
1 22  GLN n 
1 23  MET n 
1 24  PRO n 
1 25  SER n 
1 26  PRO n 
1 27  THR n 
1 28  SER n 
1 29  THR n 
1 30  GLY n 
1 31  THR n 
1 32  PRO n 
1 33  SER n 
1 34  PRO n 
1 35  GLY n 
1 36  PRO n 
1 37  ARG n 
1 38  GLY n 
1 39  ASN n 
1 40  GLN n 
1 41  GLY n 
1 42  ALA n 
1 43  GLU n 
1 44  ARG n 
1 45  GLN n 
1 46  GLY n 
1 47  MET n 
1 48  ASN n 
1 49  TRP n 
1 50  SER n 
1 51  CYS n 
1 52  ARG n 
1 53  THR n 
1 54  PRO n 
1 55  GLU n 
1 56  PRO n 
1 57  ASN n 
1 58  PRO n 
1 59  VAL n 
1 60  THR n 
1 61  GLY n 
1 62  ARG n 
1 63  PRO n 
1 64  LEU n 
1 65  VAL n 
1 66  ASN n 
1 67  ILE n 
1 68  TYR n 
1 69  ASN n 
1 70  CYS n 
1 71  SER n 
1 72  GLY n 
1 73  VAL n 
1 74  GLN n 
1 75  VAL n 
1 76  GLY n 
1 77  ASP n 
1 78  ASN n 
1 79  ASN n 
1 80  TYR n 
1 81  LEU n 
1 82  THR n 
1 83  MET n 
1 84  GLN n 
1 85  GLN n 
1 86  THR n 
1 87  THR n 
1 88  ALA n 
1 89  LEU n 
1 90  PRO n 
1 91  THR n 
1 92  TRP n 
1 93  GLY n 
1 94  LEU n 
1 95  ALA n 
1 96  PRO n 
1 97  SER n 
1 98  GLY n 
1 99  LYS n 
1 100 GLY n 
1 101 ARG n 
1 102 GLY n 
1 103 LEU n 
1 104 GLN n 
1 105 HIS n 
1 106 PRO n 
1 107 PRO n 
1 108 PRO n 
1 109 VAL n 
1 110 GLY n 
1 111 SER n 
1 112 GLN n 
1 113 GLU n 
1 114 GLY n 
1 115 PRO n 
1 116 LYS n 
1 117 ASP n 
1 118 PRO n 
1 119 GLU n 
1 120 ALA n 
1 121 TRP n 
1 122 SER n 
1 123 ARG n 
1 124 PRO n 
1 125 GLN n 
1 126 GLY n 
1 127 TRP n 
1 128 TYR n 
1 129 ASN n 
1 130 HIS n 
1 131 SER n 
1 132 GLY n 
1 133 LYS n 
1 134 LEU n 
1 135 GLU n 
1 136 HIS n 
1 137 HIS n 
1 138 HIS n 
1 139 HIS n 
1 140 HIS n 
1 141 HIS n 
# 
_entity_src_gen.entity_id                          1 
_entity_src_gen.pdbx_src_id                        1 
_entity_src_gen.pdbx_alt_source_flag               sample 
_entity_src_gen.pdbx_seq_type                      'Biological sequence' 
_entity_src_gen.pdbx_beg_seq_num                   1 
_entity_src_gen.pdbx_end_seq_num                   141 
_entity_src_gen.gene_src_common_name               Human 
_entity_src_gen.gene_src_genus                     ? 
_entity_src_gen.pdbx_gene_src_gene                 'RIPK3, RIP3' 
_entity_src_gen.gene_src_species                   ? 
_entity_src_gen.gene_src_strain                    ? 
_entity_src_gen.gene_src_tissue                    ? 
_entity_src_gen.gene_src_tissue_fraction           ? 
_entity_src_gen.gene_src_details                   ? 
_entity_src_gen.pdbx_gene_src_fragment             ? 
_entity_src_gen.pdbx_gene_src_scientific_name      'Homo sapiens' 
_entity_src_gen.pdbx_gene_src_ncbi_taxonomy_id     9606 
_entity_src_gen.pdbx_gene_src_variant              ? 
_entity_src_gen.pdbx_gene_src_cell_line            ? 
_entity_src_gen.pdbx_gene_src_atcc                 ? 
_entity_src_gen.pdbx_gene_src_organ                ? 
_entity_src_gen.pdbx_gene_src_organelle            ? 
_entity_src_gen.pdbx_gene_src_cell                 ? 
_entity_src_gen.pdbx_gene_src_cellular_location    ? 
_entity_src_gen.host_org_common_name               ? 
_entity_src_gen.pdbx_host_org_scientific_name      'Escherichia coli' 
_entity_src_gen.pdbx_host_org_ncbi_taxonomy_id     562 
_entity_src_gen.host_org_genus                     ? 
_entity_src_gen.pdbx_host_org_gene                 ? 
_entity_src_gen.pdbx_host_org_organ                ? 
_entity_src_gen.host_org_species                   ? 
_entity_src_gen.pdbx_host_org_tissue               ? 
_entity_src_gen.pdbx_host_org_tissue_fraction      ? 
_entity_src_gen.pdbx_host_org_strain               ? 
_entity_src_gen.pdbx_host_org_variant              ? 
_entity_src_gen.pdbx_host_org_cell_line            ? 
_entity_src_gen.pdbx_host_org_atcc                 ? 
_entity_src_gen.pdbx_host_org_culture_collection   ? 
_entity_src_gen.pdbx_host_org_cell                 ? 
_entity_src_gen.pdbx_host_org_organelle            ? 
_entity_src_gen.pdbx_host_org_cellular_location    ? 
_entity_src_gen.pdbx_host_org_vector_type          ? 
_entity_src_gen.pdbx_host_org_vector               ? 
_entity_src_gen.host_org_details                   ? 
_entity_src_gen.expression_system_id               ? 
_entity_src_gen.plasmid_name                       ? 
_entity_src_gen.plasmid_details                    ? 
_entity_src_gen.pdbx_description                   ? 
# 
loop_
_chem_comp.id 
_chem_comp.type 
_chem_comp.mon_nstd_flag 
_chem_comp.name 
_chem_comp.pdbx_synonyms 
_chem_comp.formula 
_chem_comp.formula_weight 
ALA 'L-peptide linking' y ALANINE         ? 'C3 H7 N O2'     89.093  
ARG 'L-peptide linking' y ARGININE        ? 'C6 H15 N4 O2 1' 175.209 
ASN 'L-peptide linking' y ASPARAGINE      ? 'C4 H8 N2 O3'    132.118 
ASP 'L-peptide linking' y 'ASPARTIC ACID' ? 'C4 H7 N O4'     133.103 
CYS 'L-peptide linking' y CYSTEINE        ? 'C3 H7 N O2 S'   121.158 
GLN 'L-peptide linking' y GLUTAMINE       ? 'C5 H10 N2 O3'   146.144 
GLU 'L-peptide linking' y 'GLUTAMIC ACID' ? 'C5 H9 N O4'     147.129 
GLY 'peptide linking'   y GLYCINE         ? 'C2 H5 N O2'     75.067  
HIS 'L-peptide linking' y HISTIDINE       ? 'C6 H10 N3 O2 1' 156.162 
ILE 'L-peptide linking' y ISOLEUCINE      ? 'C6 H13 N O2'    131.173 
LEU 'L-peptide linking' y LEUCINE         ? 'C6 H13 N O2'    131.173 
LYS 'L-peptide linking' y LYSINE          ? 'C6 H15 N2 O2 1' 147.195 
MET 'L-peptide linking' y METHIONINE      ? 'C5 H11 N O2 S'  149.211 
PHE 'L-peptide linking' y PHENYLALANINE   ? 'C9 H11 N O2'    165.189 
PRO 'L-peptide linking' y PROLINE         ? 'C5 H9 N O2'     115.130 
SER 'L-peptide linking' y SERINE          ? 'C3 H7 N O3'     105.093 
THR 'L-peptide linking' y THREONINE       ? 'C4 H9 N O3'     119.119 
TRP 'L-peptide linking' y TRYPTOPHAN      ? 'C11 H12 N2 O2'  204.225 
TYR 'L-peptide linking' y TYROSINE        ? 'C9 H11 N O3'    181.189 
VAL 'L-peptide linking' y VALINE          ? 'C5 H11 N O2'    117.146 
# 
loop_
_pdbx_poly_seq_scheme.asym_id 
_pdbx_poly_seq_scheme.entity_id 
_pdbx_poly_seq_scheme.seq_id 
_pdbx_poly_seq_scheme.mon_id 
_pdbx_poly_seq_scheme.ndb_seq_num 
_pdbx_poly_seq_scheme.pdb_seq_num 
_pdbx_poly_seq_scheme.auth_seq_num 
_pdbx_poly_seq_scheme.pdb_mon_id 
_pdbx_poly_seq_scheme.auth_mon_id 
_pdbx_poly_seq_scheme.pdb_strand_id 
_pdbx_poly_seq_scheme.pdb_ins_code 
_pdbx_poly_seq_scheme.hetero 
A 1 1   MET 1   386 ?   ?   ?   B . n 
A 1 2   GLY 2   387 ?   ?   ?   B . n 
A 1 3   SER 3   388 ?   ?   ?   B . n 
A 1 4   SER 4   389 ?   ?   ?   B . n 
A 1 5   ASP 5   390 ?   ?   ?   B . n 
A 1 6   SER 6   391 ?   ?   ?   B . n 
A 1 7   MET 7   392 ?   ?   ?   B . n 
A 1 8   ALA 8   393 ?   ?   ?   B . n 
A 1 9   GLN 9   394 ?   ?   ?   B . n 
A 1 10  PRO 10  395 ?   ?   ?   B . n 
A 1 11  PRO 11  396 ?   ?   ?   B . n 
A 1 12  GLN 12  397 ?   ?   ?   B . n 
A 1 13  THR 13  398 ?   ?   ?   B . n 
A 1 14  PRO 14  399 ?   ?   ?   B . n 
A 1 15  GLU 15  400 ?   ?   ?   B . n 
A 1 16  THR 16  401 ?   ?   ?   B . n 
A 1 17  SER 17  402 ?   ?   ?   B . n 
A 1 18  THR 18  403 ?   ?   ?   B . n 
A 1 19  PHE 19  404 ?   ?   ?   B . n 
A 1 20  ARG 20  405 ?   ?   ?   B . n 
A 1 21  ASN 21  406 ?   ?   ?   B . n 
A 1 22  GLN 22  407 ?   ?   ?   B . n 
A 1 23  MET 23  408 ?   ?   ?   B . n 
A 1 24  PRO 24  409 ?   ?   ?   B . n 
A 1 25  SER 25  410 ?   ?   ?   B . n 
A 1 26  PRO 26  411 ?   ?   ?   B . n 
A 1 27  THR 27  412 ?   ?   ?   B . n 
A 1 28  SER 28  413 ?   ?   ?   B . n 
A 1 29  THR 29  414 ?   ?   ?   B . n 
A 1 30  GLY 30  415 ?   ?   ?   B . n 
A 1 31  THR 31  416 ?   ?   ?   B . n 
A 1 32  PRO 32  417 ?   ?   ?   B . n 
A 1 33  SER 33  418 ?   ?   ?   B . n 
A 1 34  PRO 34  419 ?   ?   ?   B . n 
A 1 35  GLY 35  420 ?   ?   ?   B . n 
A 1 36  PRO 36  421 ?   ?   ?   B . n 
A 1 37  ARG 37  422 ?   ?   ?   B . n 
A 1 38  GLY 38  423 ?   ?   ?   B . n 
A 1 39  ASN 39  424 ?   ?   ?   B . n 
A 1 40  GLN 40  425 ?   ?   ?   B . n 
A 1 41  GLY 41  426 ?   ?   ?   B . n 
A 1 42  ALA 42  427 ?   ?   ?   B . n 
A 1 43  GLU 43  428 ?   ?   ?   B . n 
A 1 44  ARG 44  429 ?   ?   ?   B . n 
A 1 45  GLN 45  430 ?   ?   ?   B . n 
A 1 46  GLY 46  431 ?   ?   ?   B . n 
A 1 47  MET 47  432 ?   ?   ?   B . n 
A 1 48  ASN 48  433 ?   ?   ?   B . n 
A 1 49  TRP 49  434 ?   ?   ?   B . n 
A 1 50  SER 50  435 ?   ?   ?   B . n 
A 1 51  CYS 51  436 ?   ?   ?   B . n 
A 1 52  ARG 52  437 ?   ?   ?   B . n 
A 1 53  THR 53  438 ?   ?   ?   B . n 
A 1 54  PRO 54  439 ?   ?   ?   B . n 
A 1 55  GLU 55  440 ?   ?   ?   B . n 
A 1 56  PRO 56  441 ?   ?   ?   B . n 
A 1 57  ASN 57  442 ?   ?   ?   B . n 
A 1 58  PRO 58  443 ?   ?   ?   B . n 
A 1 59  VAL 59  444 ?   ?   ?   B . n 
A 1 60  THR 60  445 ?   ?   ?   B . n 
A 1 61  GLY 61  446 ?   ?   ?   B . n 
A 1 62  ARG 62  447 ?   ?   ?   B . n 
A 1 63  PRO 63  448 448 PRO PRO B . n 
A 1 64  LEU 64  449 449 LEU LEU B . n 
A 1 65  VAL 65  450 450 VAL VAL B . n 
A 1 66  ASN 66  451 451 ASN ASN B . n 
A 1 67  ILE 67  452 452 ILE ILE B . n 
A 1 68  TYR 68  453 453 TYR TYR B . n 
A 1 69  ASN 69  454 454 ASN ASN B . n 
A 1 70  CYS 70  455 455 CYS CYS B . n 
A 1 71  SER 71  456 456 SER SER B . n 
A 1 72  GLY 72  457 457 GLY GLY B . n 
A 1 73  VAL 73  458 458 VAL VAL B . n 
A 1 74  GLN 74  459 459 GLN GLN B . n 
A 1 75  VAL 75  460 460 VAL VAL B . n 
A 1 76  GLY 76  461 461 GLY GLY B . n 
A 1 77  ASP 77  462 462 ASP ASP B . n 
A 1 78  ASN 78  463 463 ASN ASN B . n 
A 1 79  ASN 79  464 464 ASN ASN B . n 
A 1 80  TYR 80  465 465 TYR TYR B . n 
A 1 81  LEU 81  466 466 LEU LEU B . n 
A 1 82  THR 82  467 467 THR THR B . n 
A 1 83  MET 83  468 468 MET MET B . n 
A 1 84  GLN 84  469 469 GLN GLN B . n 
A 1 85  GLN 85  470 ?   ?   ?   B . n 
A 1 86  THR 86  471 ?   ?   ?   B . n 
A 1 87  THR 87  472 ?   ?   ?   B . n 
A 1 88  ALA 88  473 ?   ?   ?   B . n 
A 1 89  LEU 89  474 ?   ?   ?   B . n 
A 1 90  PRO 90  475 ?   ?   ?   B . n 
A 1 91  THR 91  476 ?   ?   ?   B . n 
A 1 92  TRP 92  477 ?   ?   ?   B . n 
A 1 93  GLY 93  478 ?   ?   ?   B . n 
A 1 94  LEU 94  479 ?   ?   ?   B . n 
A 1 95  ALA 95  480 ?   ?   ?   B . n 
A 1 96  PRO 96  481 ?   ?   ?   B . n 
A 1 97  SER 97  482 ?   ?   ?   B . n 
A 1 98  GLY 98  483 ?   ?   ?   B . n 
A 1 99  LYS 99  484 ?   ?   ?   B . n 
A 1 100 GLY 100 485 ?   ?   ?   B . n 
A 1 101 ARG 101 486 ?   ?   ?   B . n 
A 1 102 GLY 102 487 ?   ?   ?   B . n 
A 1 103 LEU 103 488 ?   ?   ?   B . n 
A 1 104 GLN 104 489 ?   ?   ?   B . n 
A 1 105 HIS 105 490 ?   ?   ?   B . n 
A 1 106 PRO 106 491 ?   ?   ?   B . n 
A 1 107 PRO 107 492 ?   ?   ?   B . n 
A 1 108 PRO 108 493 ?   ?   ?   B . n 
A 1 109 VAL 109 494 ?   ?   ?   B . n 
A 1 110 GLY 110 495 ?   ?   ?   B . n 
A 1 111 SER 111 496 ?   ?   ?   B . n 
A 1 112 GLN 112 497 ?   ?   ?   B . n 
A 1 113 GLU 113 498 ?   ?   ?   B . n 
A 1 114 GLY 114 499 ?   ?   ?   B . n 
A 1 115 PRO 115 500 ?   ?   ?   B . n 
A 1 116 LYS 116 501 ?   ?   ?   B . n 
A 1 117 ASP 117 502 ?   ?   ?   B . n 
A 1 118 PRO 118 503 ?   ?   ?   B . n 
A 1 119 GLU 119 504 ?   ?   ?   B . n 
A 1 120 ALA 120 505 ?   ?   ?   B . n 
A 1 121 TRP 121 506 ?   ?   ?   B . n 
A 1 122 SER 122 507 ?   ?   ?   B . n 
A 1 123 ARG 123 508 ?   ?   ?   B . n 
A 1 124 PRO 124 509 ?   ?   ?   B . n 
A 1 125 GLN 125 510 ?   ?   ?   B . n 
A 1 126 GLY 126 511 ?   ?   ?   B . n 
A 1 127 TRP 127 512 ?   ?   ?   B . n 
A 1 128 TYR 128 513 ?   ?   ?   B . n 
A 1 129 ASN 129 514 ?   ?   ?   B . n 
A 1 130 HIS 130 515 ?   ?   ?   B . n 
A 1 131 SER 131 516 ?   ?   ?   B . n 
A 1 132 GLY 132 517 ?   ?   ?   B . n 
A 1 133 LYS 133 518 ?   ?   ?   B . n 
A 1 134 LEU 134 519 ?   ?   ?   B . n 
A 1 135 GLU 135 520 ?   ?   ?   B . n 
A 1 136 HIS 136 521 ?   ?   ?   B . n 
A 1 137 HIS 137 522 ?   ?   ?   B . n 
A 1 138 HIS 138 523 ?   ?   ?   B . n 
A 1 139 HIS 139 524 ?   ?   ?   B . n 
A 1 140 HIS 140 525 ?   ?   ?   B . n 
A 1 141 HIS 141 526 ?   ?   ?   B . n 
B 1 1   MET 1   386 ?   ?   ?   A . n 
B 1 2   GLY 2   387 ?   ?   ?   A . n 
B 1 3   SER 3   388 ?   ?   ?   A . n 
B 1 4   SER 4   389 ?   ?   ?   A . n 
B 1 5   ASP 5   390 ?   ?   ?   A . n 
B 1 6   SER 6   391 ?   ?   ?   A . n 
B 1 7   MET 7   392 ?   ?   ?   A . n 
B 1 8   ALA 8   393 ?   ?   ?   A . n 
B 1 9   GLN 9   394 ?   ?   ?   A . n 
B 1 10  PRO 10  395 ?   ?   ?   A . n 
B 1 11  PRO 11  396 ?   ?   ?   A . n 
B 1 12  GLN 12  397 ?   ?   ?   A . n 
B 1 13  THR 13  398 ?   ?   ?   A . n 
B 1 14  PRO 14  399 ?   ?   ?   A . n 
B 1 15  GLU 15  400 ?   ?   ?   A . n 
B 1 16  THR 16  401 ?   ?   ?   A . n 
B 1 17  SER 17  402 ?   ?   ?   A . n 
B 1 18  THR 18  403 ?   ?   ?   A . n 
B 1 19  PHE 19  404 ?   ?   ?   A . n 
B 1 20  ARG 20  405 ?   ?   ?   A . n 
B 1 21  ASN 21  406 ?   ?   ?   A . n 
B 1 22  GLN 22  407 ?   ?   ?   A . n 
B 1 23  MET 23  408 ?   ?   ?   A . n 
B 1 24  PRO 24  409 ?   ?   ?   A . n 
B 1 25  SER 25  410 ?   ?   ?   A . n 
B 1 26  PRO 26  411 ?   ?   ?   A . n 
B 1 27  THR 27  412 ?   ?   ?   A . n 
B 1 28  SER 28  413 ?   ?   ?   A . n 
B 1 29  THR 29  414 ?   ?   ?   A . n 
B 1 30  GLY 30  415 ?   ?   ?   A . n 
B 1 31  THR 31  416 ?   ?   ?   A . n 
B 1 32  PRO 32  417 ?   ?   ?   A . n 
B 1 33  SER 33  418 ?   ?   ?   A . n 
B 1 34  PRO 34  419 ?   ?   ?   A . n 
B 1 35  GLY 35  420 ?   ?   ?   A . n 
B 1 36  PRO 36  421 ?   ?   ?   A . n 
B 1 37  ARG 37  422 ?   ?   ?   A . n 
B 1 38  GLY 38  423 ?   ?   ?   A . n 
B 1 39  ASN 39  424 ?   ?   ?   A . n 
B 1 40  GLN 40  425 ?   ?   ?   A . n 
B 1 41  GLY 41  426 ?   ?   ?   A . n 
B 1 42  ALA 42  427 ?   ?   ?   A . n 
B 1 43  GLU 43  428 ?   ?   ?   A . n 
B 1 44  ARG 44  429 ?   ?   ?   A . n 
B 1 45  GLN 45  430 ?   ?   ?   A . n 
B 1 46  GLY 46  431 ?   ?   ?   A . n 
B 1 47  MET 47  432 ?   ?   ?   A . n 
B 1 48  ASN 48  433 ?   ?   ?   A . n 
B 1 49  TRP 49  434 ?   ?   ?   A . n 
B 1 50  SER 50  435 ?   ?   ?   A . n 
B 1 51  CYS 51  436 ?   ?   ?   A . n 
B 1 52  ARG 52  437 ?   ?   ?   A . n 
B 1 53  THR 53  438 ?   ?   ?   A . n 
B 1 54  PRO 54  439 ?   ?   ?   A . n 
B 1 55  GLU 55  440 ?   ?   ?   A . n 
B 1 56  PRO 56  441 ?   ?   ?   A . n 
B 1 57  ASN 57  442 ?   ?   ?   A . n 
B 1 58  PRO 58  443 ?   ?   ?   A . n 
B 1 59  VAL 59  444 ?   ?   ?   A . n 
B 1 60  THR 60  445 ?   ?   ?   A . n 
B 1 61  GLY 61  446 ?   ?   ?   A . n 
B 1 62  ARG 62  447 ?   ?   ?   A . n 
B 1 63  PRO 63  448 448 PRO PRO A . n 
B 1 64  LEU 64  449 449 LEU LEU A . n 
B 1 65  VAL 65  450 450 VAL VAL A . n 
B 1 66  ASN 66  451 451 ASN ASN A . n 
B 1 67  ILE 67  452 452 ILE ILE A . n 
B 1 68  TYR 68  453 453 TYR TYR A . n 
B 1 69  ASN 69  454 454 ASN ASN A . n 
B 1 70  CYS 70  455 455 CYS CYS A . n 
B 1 71  SER 71  456 456 SER SER A . n 
B 1 72  GLY 72  457 457 GLY GLY A . n 
B 1 73  VAL 73  458 458 VAL VAL A . n 
B 1 74  GLN 74  459 459 GLN GLN A . n 
B 1 75  VAL 75  460 460 VAL VAL A . n 
B 1 76  GLY 76  461 461 GLY GLY A . n 
B 1 77  ASP 77  462 462 ASP ASP A . n 
B 1 78  ASN 78  463 463 ASN ASN A . n 
B 1 79  ASN 79  464 464 ASN ASN A . n 
B 1 80  TYR 80  465 465 TYR TYR A . n 
B 1 81  LEU 81  466 466 LEU LEU A . n 
B 1 82  THR 82  467 467 THR THR A . n 
B 1 83  MET 83  468 468 MET MET A . n 
B 1 84  GLN 84  469 469 GLN GLN A . n 
B 1 85  GLN 85  470 ?   ?   ?   A . n 
B 1 86  THR 86  471 ?   ?   ?   A . n 
B 1 87  THR 87  472 ?   ?   ?   A . n 
B 1 88  ALA 88  473 ?   ?   ?   A . n 
B 1 89  LEU 89  474 ?   ?   ?   A . n 
B 1 90  PRO 90  475 ?   ?   ?   A . n 
B 1 91  THR 91  476 ?   ?   ?   A . n 
B 1 92  TRP 92  477 ?   ?   ?   A . n 
B 1 93  GLY 93  478 ?   ?   ?   A . n 
B 1 94  LEU 94  479 ?   ?   ?   A . n 
B 1 95  ALA 95  480 ?   ?   ?   A . n 
B 1 96  PRO 96  481 ?   ?   ?   A . n 
B 1 97  SER 97  482 ?   ?   ?   A . n 
B 1 98  GLY 98  483 ?   ?   ?   A . n 
B 1 99  LYS 99  484 ?   ?   ?   A . n 
B 1 100 GLY 100 485 ?   ?   ?   A . n 
B 1 101 ARG 101 486 ?   ?   ?   A . n 
B 1 102 GLY 102 487 ?   ?   ?   A . n 
B 1 103 LEU 103 488 ?   ?   ?   A . n 
B 1 104 GLN 104 489 ?   ?   ?   A . n 
B 1 105 HIS 105 490 ?   ?   ?   A . n 
B 1 106 PRO 106 491 ?   ?   ?   A . n 
B 1 107 PRO 107 492 ?   ?   ?   A . n 
B 1 108 PRO 108 493 ?   ?   ?   A . n 
B 1 109 VAL 109 494 ?   ?   ?   A . n 
B 1 110 GLY 110 495 ?   ?   ?   A . n 
B 1 111 SER 111 496 ?   ?   ?   A . n 
B 1 112 GLN 112 497 ?   ?   ?   A . n 
B 1 113 GLU 113 498 ?   ?   ?   A . n 
B 1 114 GLY 114 499 ?   ?   ?   A . n 
B 1 115 PRO 115 500 ?   ?   ?   A . n 
B 1 116 LYS 116 501 ?   ?   ?   A . n 
B 1 117 ASP 117 502 ?   ?   ?   A . n 
B 1 118 PRO 118 503 ?   ?   ?   A . n 
B 1 119 GLU 119 504 ?   ?   ?   A . n 
B 1 120 ALA 120 505 ?   ?   ?   A . n 
B 1 121 TRP 121 506 ?   ?   ?   A . n 
B 1 122 SER 122 507 ?   ?   ?   A . n 
B 1 123 ARG 123 508 ?   ?   ?   A . n 
B 1 124 PRO 124 509 ?   ?   ?   A . n 
B 1 125 GLN 125 510 ?   ?   ?   A . n 
B 1 126 GLY 126 511 ?   ?   ?   A . n 
B 1 127 TRP 127 512 ?   ?   ?   A . n 
B 1 128 TYR 128 513 ?   ?   ?   A . n 
B 1 129 ASN 129 514 ?   ?   ?   A . n 
B 1 130 HIS 130 515 ?   ?   ?   A . n 
B 1 131 SER 131 516 ?   ?   ?   A . n 
B 1 132 GLY 132 517 ?   ?   ?   A . n 
B 1 133 LYS 133 518 ?   ?   ?   A . n 
B 1 134 LEU 134 519 ?   ?   ?   A . n 
B 1 135 GLU 135 520 ?   ?   ?   A . n 
B 1 136 HIS 136 521 ?   ?   ?   A . n 
B 1 137 HIS 137 522 ?   ?   ?   A . n 
B 1 138 HIS 138 523 ?   ?   ?   A . n 
B 1 139 HIS 139 524 ?   ?   ?   A . n 
B 1 140 HIS 140 525 ?   ?   ?   A . n 
B 1 141 HIS 141 526 ?   ?   ?   A . n 
C 1 1   MET 1   386 ?   ?   ?   C . n 
C 1 2   GLY 2   387 ?   ?   ?   C . n 
C 1 3   SER 3   388 ?   ?   ?   C . n 
C 1 4   SER 4   389 ?   ?   ?   C . n 
C 1 5   ASP 5   390 ?   ?   ?   C . n 
C 1 6   SER 6   391 ?   ?   ?   C . n 
C 1 7   MET 7   392 ?   ?   ?   C . n 
C 1 8   ALA 8   393 ?   ?   ?   C . n 
C 1 9   GLN 9   394 ?   ?   ?   C . n 
C 1 10  PRO 10  395 ?   ?   ?   C . n 
C 1 11  PRO 11  396 ?   ?   ?   C . n 
C 1 12  GLN 12  397 ?   ?   ?   C . n 
C 1 13  THR 13  398 ?   ?   ?   C . n 
C 1 14  PRO 14  399 ?   ?   ?   C . n 
C 1 15  GLU 15  400 ?   ?   ?   C . n 
C 1 16  THR 16  401 ?   ?   ?   C . n 
C 1 17  SER 17  402 ?   ?   ?   C . n 
C 1 18  THR 18  403 ?   ?   ?   C . n 
C 1 19  PHE 19  404 ?   ?   ?   C . n 
C 1 20  ARG 20  405 ?   ?   ?   C . n 
C 1 21  ASN 21  406 ?   ?   ?   C . n 
C 1 22  GLN 22  407 ?   ?   ?   C . n 
C 1 23  MET 23  408 ?   ?   ?   C . n 
C 1 24  PRO 24  409 ?   ?   ?   C . n 
C 1 25  SER 25  410 ?   ?   ?   C . n 
C 1 26  PRO 26  411 ?   ?   ?   C . n 
C 1 27  THR 27  412 ?   ?   ?   C . n 
C 1 28  SER 28  413 ?   ?   ?   C . n 
C 1 29  THR 29  414 ?   ?   ?   C . n 
C 1 30  GLY 30  415 ?   ?   ?   C . n 
C 1 31  THR 31  416 ?   ?   ?   C . n 
C 1 32  PRO 32  417 ?   ?   ?   C . n 
C 1 33  SER 33  418 ?   ?   ?   C . n 
C 1 34  PRO 34  419 ?   ?   ?   C . n 
C 1 35  GLY 35  420 ?   ?   ?   C . n 
C 1 36  PRO 36  421 ?   ?   ?   C . n 
C 1 37  ARG 37  422 ?   ?   ?   C . n 
C 1 38  GLY 38  423 ?   ?   ?   C . n 
C 1 39  ASN 39  424 ?   ?   ?   C . n 
C 1 40  GLN 40  425 ?   ?   ?   C . n 
C 1 41  GLY 41  426 ?   ?   ?   C . n 
C 1 42  ALA 42  427 ?   ?   ?   C . n 
C 1 43  GLU 43  428 ?   ?   ?   C . n 
C 1 44  ARG 44  429 ?   ?   ?   C . n 
C 1 45  GLN 45  430 ?   ?   ?   C . n 
C 1 46  GLY 46  431 ?   ?   ?   C . n 
C 1 47  MET 47  432 ?   ?   ?   C . n 
C 1 48  ASN 48  433 ?   ?   ?   C . n 
C 1 49  TRP 49  434 ?   ?   ?   C . n 
C 1 50  SER 50  435 ?   ?   ?   C . n 
C 1 51  CYS 51  436 ?   ?   ?   C . n 
C 1 52  ARG 52  437 ?   ?   ?   C . n 
C 1 53  THR 53  438 ?   ?   ?   C . n 
C 1 54  PRO 54  439 ?   ?   ?   C . n 
C 1 55  GLU 55  440 ?   ?   ?   C . n 
C 1 56  PRO 56  441 ?   ?   ?   C . n 
C 1 57  ASN 57  442 ?   ?   ?   C . n 
C 1 58  PRO 58  443 ?   ?   ?   C . n 
C 1 59  VAL 59  444 ?   ?   ?   C . n 
C 1 60  THR 60  445 ?   ?   ?   C . n 
C 1 61  GLY 61  446 ?   ?   ?   C . n 
C 1 62  ARG 62  447 ?   ?   ?   C . n 
C 1 63  PRO 63  448 448 PRO PRO C . n 
C 1 64  LEU 64  449 449 LEU LEU C . n 
C 1 65  VAL 65  450 450 VAL VAL C . n 
C 1 66  ASN 66  451 451 ASN ASN C . n 
C 1 67  ILE 67  452 452 ILE ILE C . n 
C 1 68  TYR 68  453 453 TYR TYR C . n 
C 1 69  ASN 69  454 454 ASN ASN C . n 
C 1 70  CYS 70  455 455 CYS CYS C . n 
C 1 71  SER 71  456 456 SER SER C . n 
C 1 72  GLY 72  457 457 GLY GLY C . n 
C 1 73  VAL 73  458 458 VAL VAL C . n 
C 1 74  GLN 74  459 459 GLN GLN C . n 
C 1 75  VAL 75  460 460 VAL VAL C . n 
C 1 76  GLY 76  461 461 GLY GLY C . n 
C 1 77  ASP 77  462 462 ASP ASP C . n 
C 1 78  ASN 78  463 463 ASN ASN C . n 
C 1 79  ASN 79  464 464 ASN ASN C . n 
C 1 80  TYR 80  465 465 TYR TYR C . n 
C 1 81  LEU 81  466 466 LEU LEU C . n 
C 1 82  THR 82  467 467 THR THR C . n 
C 1 83  MET 83  468 468 MET MET C . n 
C 1 84  GLN 84  469 469 GLN GLN C . n 
C 1 85  GLN 85  470 ?   ?   ?   C . n 
C 1 86  THR 86  471 ?   ?   ?   C . n 
C 1 87  THR 87  472 ?   ?   ?   C . n 
C 1 88  ALA 88  473 ?   ?   ?   C . n 
C 1 89  LEU 89  474 ?   ?   ?   C . n 
C 1 90  PRO 90  475 ?   ?   ?   C . n 
C 1 91  THR 91  476 ?   ?   ?   C . n 
C 1 92  TRP 92  477 ?   ?   ?   C . n 
C 1 93  GLY 93  478 ?   ?   ?   C . n 
C 1 94  LEU 94  479 ?   ?   ?   C . n 
C 1 95  ALA 95  480 ?   ?   ?   C . n 
C 1 96  PRO 96  481 ?   ?   ?   C . n 
C 1 97  SER 97  482 ?   ?   ?   C . n 
C 1 98  GLY 98  483 ?   ?   ?   C . n 
C 1 99  LYS 99  484 ?   ?   ?   C . n 
C 1 100 GLY 100 485 ?   ?   ?   C . n 
C 1 101 ARG 101 486 ?   ?   ?   C . n 
C 1 102 GLY 102 487 ?   ?   ?   C . n 
C 1 103 LEU 103 488 ?   ?   ?   C . n 
C 1 104 GLN 104 489 ?   ?   ?   C . n 
C 1 105 HIS 105 490 ?   ?   ?   C . n 
C 1 106 PRO 106 491 ?   ?   ?   C . n 
C 1 107 PRO 107 492 ?   ?   ?   C . n 
C 1 108 PRO 108 493 ?   ?   ?   C . n 
C 1 109 VAL 109 494 ?   ?   ?   C . n 
C 1 110 GLY 110 495 ?   ?   ?   C . n 
C 1 111 SER 111 496 ?   ?   ?   C . n 
C 1 112 GLN 112 497 ?   ?   ?   C . n 
C 1 113 GLU 113 498 ?   ?   ?   C . n 
C 1 114 GLY 114 499 ?   ?   ?   C . n 
C 1 115 PRO 115 500 ?   ?   ?   C . n 
C 1 116 LYS 116 501 ?   ?   ?   C . n 
C 1 117 ASP 117 502 ?   ?   ?   C . n 
C 1 118 PRO 118 503 ?   ?   ?   C . n 
C 1 119 GLU 119 504 ?   ?   ?   C . n 
C 1 120 ALA 120 505 ?   ?   ?   C . n 
C 1 121 TRP 121 506 ?   ?   ?   C . n 
C 1 122 SER 122 507 ?   ?   ?   C . n 
C 1 123 ARG 123 508 ?   ?   ?   C . n 
C 1 124 PRO 124 509 ?   ?   ?   C . n 
C 1 125 GLN 125 510 ?   ?   ?   C . n 
C 1 126 GLY 126 511 ?   ?   ?   C . n 
C 1 127 TRP 127 512 ?   ?   ?   C . n 
C 1 128 TYR 128 513 ?   ?   ?   C . n 
C 1 129 ASN 129 514 ?   ?   ?   C . n 
C 1 130 HIS 130 515 ?   ?   ?   C . n 
C 1 131 SER 131 516 ?   ?   ?   C . n 
C 1 132 GLY 132 517 ?   ?   ?   C . n 
C 1 133 LYS 133 518 ?   ?   ?   C . n 
C 1 134 LEU 134 519 ?   ?   ?   C . n 
C 1 135 GLU 135 520 ?   ?   ?   C . n 
C 1 136 HIS 136 521 ?   ?   ?   C . n 
C 1 137 HIS 137 522 ?   ?   ?   C . n 
C 1 138 HIS 138 523 ?   ?   ?   C . n 
C 1 139 HIS 139 524 ?   ?   ?   C . n 
C 1 140 HIS 140 525 ?   ?   ?   C . n 
C 1 141 HIS 141 526 ?   ?   ?   C . n 
# 
_cell.angle_alpha                  90.00 
_cell.angle_alpha_esd              ? 
_cell.angle_beta                   90.00 
_cell.angle_beta_esd               ? 
_cell.angle_gamma                  90.00 
_cell.angle_gamma_esd              ? 
_cell.entry_id                     7DA4 
_cell.details                      ? 
_cell.formula_units_Z              ? 
_cell.length_a                     1.00 
_cell.length_a_esd                 ? 
_cell.length_b                     1.00 
_cell.length_b_esd                 ? 
_cell.length_c                     1.00 
_cell.length_c_esd                 ? 
_cell.volume                       ? 
_cell.volume_esd                   ? 
_cell.Z_PDB                        ? 
_cell.reciprocal_angle_alpha       ? 
_cell.reciprocal_angle_beta        ? 
_cell.reciprocal_angle_gamma       ? 
_cell.reciprocal_angle_alpha_esd   ? 
_cell.reciprocal_angle_beta_esd    ? 
_cell.reciprocal_angle_gamma_esd   ? 
_cell.reciprocal_length_a          ? 
_cell.reciprocal_length_b          ? 
_cell.reciprocal_length_c          ? 
_cell.reciprocal_length_a_esd      ? 
_cell.reciprocal_length_b_esd      ? 
_cell.reciprocal_length_c_esd      ? 
_cell.pdbx_unique_axis             ? 
# 
_symmetry.entry_id                         7DA4 
_symmetry.cell_setting                     ? 
_symmetry.Int_Tables_number                1 
_symmetry.space_group_name_Hall            ? 
_symmetry.space_group_name_H-M             'P 1' 
_symmetry.pdbx_full_space_group_name_H-M   ? 
# 
_exptl.absorpt_coefficient_mu     ? 
_exptl.absorpt_correction_T_max   ? 
_exptl.absorpt_correction_T_min   ? 
_exptl.absorpt_correction_type    ? 
_exptl.absorpt_process_details    ? 
_exptl.entry_id                   7DA4 
_exptl.crystals_number            ? 
_exptl.details                    ? 
_exptl.method                     'ELECTRON MICROSCOPY' 
_exptl.method_details             ? 
# 
_struct.entry_id                     7DA4 
_struct.title                        'Cryo-EM structure of amyloid fibril formed by human RIPK3' 
_struct.pdbx_model_details           ? 
_struct.pdbx_formula_weight          ? 
_struct.pdbx_formula_weight_method   ? 
_struct.pdbx_model_type_details      ? 
_struct.pdbx_CASP_flag               N 
# 
_struct_keywords.entry_id        7DA4 
_struct_keywords.text            'Amyloid fibril, PROTEIN FIBRIL' 
_struct_keywords.pdbx_keywords   'PROTEIN FIBRIL' 
# 
loop_
_struct_asym.id 
_struct_asym.pdbx_blank_PDB_chainid_flag 
_struct_asym.pdbx_modified 
_struct_asym.entity_id 
_struct_asym.details 
A N N 1 ? 
B N N 1 ? 
C N N 1 ? 
# 
_struct_ref.id                         1 
_struct_ref.db_name                    UNP 
_struct_ref.db_code                    RIPK3_HUMAN 
_struct_ref.pdbx_db_accession          Q9Y572 
_struct_ref.pdbx_db_isoform            ? 
_struct_ref.entity_id                  1 
_struct_ref.pdbx_seq_one_letter_code   
;SSDSMAQPPQTPETSTFRNQMPSPTSTGTPSPGPRGNQGAERQGMNWSCRTPEPNPVTGRPLVNIYNCSGVQVGDNNYLT
MQQTTALPTWGLAPSGKGRGLQHPPPVGSQEGPKDPEAWSRPQGWYNHSGK
;
_struct_ref.pdbx_align_begin           388 
# 
loop_
_struct_ref_seq.align_id 
_struct_ref_seq.ref_id 
_struct_ref_seq.pdbx_PDB_id_code 
_struct_ref_seq.pdbx_strand_id 
_struct_ref_seq.seq_align_beg 
_struct_ref_seq.pdbx_seq_align_beg_ins_code 
_struct_ref_seq.seq_align_end 
_struct_ref_seq.pdbx_seq_align_end_ins_code 
_struct_ref_seq.pdbx_db_accession 
_struct_ref_seq.db_align_beg 
_struct_ref_seq.pdbx_db_align_beg_ins_code 
_struct_ref_seq.db_align_end 
_struct_ref_seq.pdbx_db_align_end_ins_code 
_struct_ref_seq.pdbx_auth_seq_align_beg 
_struct_ref_seq.pdbx_auth_seq_align_end 
1 1 7DA4 B 3 ? 133 ? Q9Y572 388 ? 518 ? 388 518 
2 1 7DA4 A 3 ? 133 ? Q9Y572 388 ? 518 ? 388 518 
3 1 7DA4 C 3 ? 133 ? Q9Y572 388 ? 518 ? 388 518 
# 
loop_
_struct_ref_seq_dif.align_id 
_struct_ref_seq_dif.pdbx_pdb_id_code 
_struct_ref_seq_dif.mon_id 
_struct_ref_seq_dif.pdbx_pdb_strand_id 
_struct_ref_seq_dif.seq_num 
_struct_ref_seq_dif.pdbx_pdb_ins_code 
_struct_ref_seq_dif.pdbx_seq_db_name 
_struct_ref_seq_dif.pdbx_seq_db_accession_code 
_struct_ref_seq_dif.db_mon_id 
_struct_ref_seq_dif.pdbx_seq_db_seq_num 
_struct_ref_seq_dif.details 
_struct_ref_seq_dif.pdbx_auth_seq_num 
_struct_ref_seq_dif.pdbx_ordinal 
1 7DA4 MET B 1   ? UNP Q9Y572 ? ? 'expression tag' 386 1  
1 7DA4 GLY B 2   ? UNP Q9Y572 ? ? 'expression tag' 387 2  
1 7DA4 LEU B 134 ? UNP Q9Y572 ? ? 'expression tag' 519 3  
1 7DA4 GLU B 135 ? UNP Q9Y572 ? ? 'expression tag' 520 4  
1 7DA4 HIS B 136 ? UNP Q9Y572 ? ? 'expression tag' 521 5  
1 7DA4 HIS B 137 ? UNP Q9Y572 ? ? 'expression tag' 522 6  
1 7DA4 HIS B 138 ? UNP Q9Y572 ? ? 'expression tag' 523 7  
1 7DA4 HIS B 139 ? UNP Q9Y572 ? ? 'expression tag' 524 8  
1 7DA4 HIS B 140 ? UNP Q9Y572 ? ? 'expression tag' 525 9  
1 7DA4 HIS B 141 ? UNP Q9Y572 ? ? 'expression tag' 526 10 
2 7DA4 MET A 1   ? UNP Q9Y572 ? ? 'expression tag' 386 11 
2 7DA4 GLY A 2   ? UNP Q9Y572 ? ? 'expression tag' 387 12 
2 7DA4 LEU A 134 ? UNP Q9Y572 ? ? 'expression tag' 519 13 
2 7DA4 GLU A 135 ? UNP Q9Y572 ? ? 'expression tag' 520 14 
2 7DA4 HIS A 136 ? UNP Q9Y572 ? ? 'expression tag' 521 15 
2 7DA4 HIS A 137 ? UNP Q9Y572 ? ? 'expression tag' 522 16 
2 7DA4 HIS A 138 ? UNP Q9Y572 ? ? 'expression tag' 523 17 
2 7DA4 HIS A 139 ? UNP Q9Y572 ? ? 'expression tag' 524 18 
2 7DA4 HIS A 140 ? UNP Q9Y572 ? ? 'expression tag' 525 19 
2 7DA4 HIS A 141 ? UNP Q9Y572 ? ? 'expression tag' 526 20 
3 7DA4 MET C 1   ? UNP Q9Y572 ? ? 'expression tag' 386 21 
3 7DA4 GLY C 2   ? UNP Q9Y572 ? ? 'expression tag' 387 22 
3 7DA4 LEU C 134 ? UNP Q9Y572 ? ? 'expression tag' 519 23 
3 7DA4 GLU C 135 ? UNP Q9Y572 ? ? 'expression tag' 520 24 
3 7DA4 HIS C 136 ? UNP Q9Y572 ? ? 'expression tag' 521 25 
3 7DA4 HIS C 137 ? UNP Q9Y572 ? ? 'expression tag' 522 26 
3 7DA4 HIS C 138 ? UNP Q9Y572 ? ? 'expression tag' 523 27 
3 7DA4 HIS C 139 ? UNP Q9Y572 ? ? 'expression tag' 524 28 
3 7DA4 HIS C 140 ? UNP Q9Y572 ? ? 'expression tag' 525 29 
3 7DA4 HIS C 141 ? UNP Q9Y572 ? ? 'expression tag' 526 30 
# 
_pdbx_struct_assembly.id                   1 
_pdbx_struct_assembly.details              author_defined_assembly 
_pdbx_struct_assembly.method_details       ? 
_pdbx_struct_assembly.oligomeric_details   trimeric 
_pdbx_struct_assembly.oligomeric_count     3 
# 
loop_
_pdbx_struct_assembly_prop.biol_id 
_pdbx_struct_assembly_prop.type 
_pdbx_struct_assembly_prop.value 
_pdbx_struct_assembly_prop.details 
1 'ABSA (A^2)' 3640 ? 
1 MORE         -26  ? 
1 'SSA (A^2)'  3820 ? 
# 
_pdbx_struct_assembly_gen.assembly_id       1 
_pdbx_struct_assembly_gen.oper_expression   1 
_pdbx_struct_assembly_gen.asym_id_list      A,B,C 
# 
_pdbx_struct_assembly_auth_evidence.id                     1 
_pdbx_struct_assembly_auth_evidence.assembly_id            1 
_pdbx_struct_assembly_auth_evidence.experimental_support   microscopy 
_pdbx_struct_assembly_auth_evidence.details                ? 
# 
_pdbx_struct_oper_list.id                   1 
_pdbx_struct_oper_list.type                 'identity operation' 
_pdbx_struct_oper_list.name                 1_555 
_pdbx_struct_oper_list.symmetry_operation   ? 
_pdbx_struct_oper_list.matrix[1][1]         1.0000000000 
_pdbx_struct_oper_list.matrix[1][2]         0.0000000000 
_pdbx_struct_oper_list.matrix[1][3]         0.0000000000 
_pdbx_struct_oper_list.vector[1]            0.0000000000 
_pdbx_struct_oper_list.matrix[2][1]         0.0000000000 
_pdbx_struct_oper_list.matrix[2][2]         1.0000000000 
_pdbx_struct_oper_list.matrix[2][3]         0.0000000000 
_pdbx_struct_oper_list.vector[2]            0.0000000000 
_pdbx_struct_oper_list.matrix[3][1]         0.0000000000 
_pdbx_struct_oper_list.matrix[3][2]         0.0000000000 
_pdbx_struct_oper_list.matrix[3][3]         1.0000000000 
_pdbx_struct_oper_list.vector[3]            0.0000000000 
# 
loop_
_pdbx_validate_torsion.id 
_pdbx_validate_torsion.PDB_model_num 
_pdbx_validate_torsion.auth_comp_id 
_pdbx_validate_torsion.auth_asym_id 
_pdbx_validate_torsion.auth_seq_id 
_pdbx_validate_torsion.PDB_ins_code 
_pdbx_validate_torsion.label_alt_id 
_pdbx_validate_torsion.phi 
_pdbx_validate_torsion.psi 
1  1 VAL B 450 ? ? -125.11 -55.25  
2  1 ASN B 454 ? ? -79.47  -167.07 
3  1 CYS B 455 ? ? -143.49 30.84   
4  1 ASP B 462 ? ? -171.78 -166.33 
5  1 ASN B 464 ? ? 59.74   81.69   
6  1 TYR B 465 ? ? -52.62  109.94  
7  1 VAL A 450 ? ? -125.05 -55.35  
8  1 ASN A 454 ? ? -79.44  -167.13 
9  1 CYS A 455 ? ? -143.43 30.88   
10 1 ASP A 462 ? ? -171.77 -166.28 
11 1 ASN A 464 ? ? 59.78   81.64   
12 1 TYR A 465 ? ? -52.61  109.97  
13 1 VAL C 450 ? ? -125.11 -55.24  
14 1 ASN C 454 ? ? -79.48  -167.13 
15 1 CYS C 455 ? ? -143.48 30.89   
16 1 ASP C 462 ? ? -171.80 -166.31 
17 1 ASN C 464 ? ? 59.75   81.64   
18 1 TYR C 465 ? ? -52.58  109.95  
# 
_em_3d_fitting.entry_id          7DA4 
_em_3d_fitting.id                1 
_em_3d_fitting.details           ? 
_em_3d_fitting.overall_b_value   ? 
_em_3d_fitting.ref_protocol      ? 
_em_3d_fitting.ref_space         ? 
_em_3d_fitting.target_criteria   ? 
_em_3d_fitting.method            ? 
# 
_em_3d_reconstruction.entry_id                    7DA4 
_em_3d_reconstruction.id                          1 
_em_3d_reconstruction.algorithm                   ? 
_em_3d_reconstruction.details                     ? 
_em_3d_reconstruction.refinement_type             ? 
_em_3d_reconstruction.image_processing_id         1 
_em_3d_reconstruction.num_class_averages          ? 
_em_3d_reconstruction.num_particles               45526 
_em_3d_reconstruction.resolution                  4.24 
_em_3d_reconstruction.resolution_method           'FSC 0.143 CUT-OFF' 
_em_3d_reconstruction.symmetry_type               HELICAL 
_em_3d_reconstruction.method                      ? 
_em_3d_reconstruction.nominal_pixel_size          ? 
_em_3d_reconstruction.actual_pixel_size           ? 
_em_3d_reconstruction.magnification_calibration   ? 
# 
_em_buffer.id            1 
_em_buffer.details       ? 
_em_buffer.pH            5.0 
_em_buffer.specimen_id   1 
_em_buffer.name          ? 
# 
_em_entity_assembly.id                   1 
_em_entity_assembly.parent_id            0 
_em_entity_assembly.details              ? 
_em_entity_assembly.name                 'human RIPK3-CTD amyloid fibril' 
_em_entity_assembly.source               RECOMBINANT 
_em_entity_assembly.type                 'ORGANELLE OR CELLULAR COMPONENT' 
_em_entity_assembly.entity_id_list       1 
_em_entity_assembly.synonym              ? 
_em_entity_assembly.oligomeric_details   ? 
# 
_em_imaging.id                              1 
_em_imaging.entry_id                        7DA4 
_em_imaging.accelerating_voltage            300 
_em_imaging.alignment_procedure             ? 
_em_imaging.c2_aperture_diameter            ? 
_em_imaging.calibrated_defocus_max          ? 
_em_imaging.calibrated_defocus_min          ? 
_em_imaging.calibrated_magnification        ? 
_em_imaging.cryogen                         ? 
_em_imaging.details                         ? 
_em_imaging.electron_source                 'FIELD EMISSION GUN' 
_em_imaging.illumination_mode               'FLOOD BEAM' 
_em_imaging.microscope_model                'FEI TITAN KRIOS' 
_em_imaging.mode                            'BRIGHT FIELD' 
_em_imaging.nominal_cs                      ? 
_em_imaging.nominal_defocus_max             ? 
_em_imaging.nominal_defocus_min             ? 
_em_imaging.nominal_magnification           ? 
_em_imaging.recording_temperature_maximum   ? 
_em_imaging.recording_temperature_minimum   ? 
_em_imaging.residual_tilt                   ? 
_em_imaging.specimen_holder_model           ? 
_em_imaging.specimen_id                     1 
_em_imaging.citation_id                     ? 
_em_imaging.date                            ? 
_em_imaging.temperature                     ? 
_em_imaging.tilt_angle_min                  ? 
_em_imaging.tilt_angle_max                  ? 
_em_imaging.astigmatism                     ? 
_em_imaging.detector_distance               ? 
_em_imaging.electron_beam_tilt_params       ? 
_em_imaging.specimen_holder_type            ? 
# 
_em_vitrification.id                    1 
_em_vitrification.specimen_id           1 
_em_vitrification.chamber_temperature   ? 
_em_vitrification.cryogen_name          ETHANE 
_em_vitrification.details               ? 
_em_vitrification.humidity              ? 
_em_vitrification.instrument            ? 
_em_vitrification.entry_id              7DA4 
_em_vitrification.citation_id           ? 
_em_vitrification.method                ? 
_em_vitrification.temp                  ? 
_em_vitrification.time_resolved_state   ? 
# 
_em_experiment.entry_id                7DA4 
_em_experiment.id                      1 
_em_experiment.aggregation_state       'HELICAL ARRAY' 
_em_experiment.reconstruction_method   HELICAL 
_em_experiment.entity_assembly_id      1 
# 
loop_
_pdbx_unobs_or_zero_occ_residues.id 
_pdbx_unobs_or_zero_occ_residues.PDB_model_num 
_pdbx_unobs_or_zero_occ_residues.polymer_flag 
_pdbx_unobs_or_zero_occ_residues.occupancy_flag 
_pdbx_unobs_or_zero_occ_residues.auth_asym_id 
_pdbx_unobs_or_zero_occ_residues.auth_comp_id 
_pdbx_unobs_or_zero_occ_residues.auth_seq_id 
_pdbx_unobs_or_zero_occ_residues.PDB_ins_code 
_pdbx_unobs_or_zero_occ_residues.label_asym_id 
_pdbx_unobs_or_zero_occ_residues.label_comp_id 
_pdbx_unobs_or_zero_occ_residues.label_seq_id 
1   1 Y 1 B MET 386 ? A MET 1   
2   1 Y 1 B GLY 387 ? A GLY 2   
3   1 Y 1 B SER 388 ? A SER 3   
4   1 Y 1 B SER 389 ? A SER 4   
5   1 Y 1 B ASP 390 ? A ASP 5   
6   1 Y 1 B SER 391 ? A SER 6   
7   1 Y 1 B MET 392 ? A MET 7   
8   1 Y 1 B ALA 393 ? A ALA 8   
9   1 Y 1 B GLN 394 ? A GLN 9   
10  1 Y 1 B PRO 395 ? A PRO 10  
11  1 Y 1 B PRO 396 ? A PRO 11  
12  1 Y 1 B GLN 397 ? A GLN 12  
13  1 Y 1 B THR 398 ? A THR 13  
14  1 Y 1 B PRO 399 ? A PRO 14  
15  1 Y 1 B GLU 400 ? A GLU 15  
16  1 Y 1 B THR 401 ? A THR 16  
17  1 Y 1 B SER 402 ? A SER 17  
18  1 Y 1 B THR 403 ? A THR 18  
19  1 Y 1 B PHE 404 ? A PHE 19  
20  1 Y 1 B ARG 405 ? A ARG 20  
21  1 Y 1 B ASN 406 ? A ASN 21  
22  1 Y 1 B GLN 407 ? A GLN 22  
23  1 Y 1 B MET 408 ? A MET 23  
24  1 Y 1 B PRO 409 ? A PRO 24  
25  1 Y 1 B SER 410 ? A SER 25  
26  1 Y 1 B PRO 411 ? A PRO 26  
27  1 Y 1 B THR 412 ? A THR 27  
28  1 Y 1 B SER 413 ? A SER 28  
29  1 Y 1 B THR 414 ? A THR 29  
30  1 Y 1 B GLY 415 ? A GLY 30  
31  1 Y 1 B THR 416 ? A THR 31  
32  1 Y 1 B PRO 417 ? A PRO 32  
33  1 Y 1 B SER 418 ? A SER 33  
34  1 Y 1 B PRO 419 ? A PRO 34  
35  1 Y 1 B GLY 420 ? A GLY 35  
36  1 Y 1 B PRO 421 ? A PRO 36  
37  1 Y 1 B ARG 422 ? A ARG 37  
38  1 Y 1 B GLY 423 ? A GLY 38  
39  1 Y 1 B ASN 424 ? A ASN 39  
40  1 Y 1 B GLN 425 ? A GLN 40  
41  1 Y 1 B GLY 426 ? A GLY 41  
42  1 Y 1 B ALA 427 ? A ALA 42  
43  1 Y 1 B GLU 428 ? A GLU 43  
44  1 Y 1 B ARG 429 ? A ARG 44  
45  1 Y 1 B GLN 430 ? A GLN 45  
46  1 Y 1 B GLY 431 ? A GLY 46  
47  1 Y 1 B MET 432 ? A MET 47  
48  1 Y 1 B ASN 433 ? A ASN 48  
49  1 Y 1 B TRP 434 ? A TRP 49  
50  1 Y 1 B SER 435 ? A SER 50  
51  1 Y 1 B CYS 436 ? A CYS 51  
52  1 Y 1 B ARG 437 ? A ARG 52  
53  1 Y 1 B THR 438 ? A THR 53  
54  1 Y 1 B PRO 439 ? A PRO 54  
55  1 Y 1 B GLU 440 ? A GLU 55  
56  1 Y 1 B PRO 441 ? A PRO 56  
57  1 Y 1 B ASN 442 ? A ASN 57  
58  1 Y 1 B PRO 443 ? A PRO 58  
59  1 Y 1 B VAL 444 ? A VAL 59  
60  1 Y 1 B THR 445 ? A THR 60  
61  1 Y 1 B GLY 446 ? A GLY 61  
62  1 Y 1 B ARG 447 ? A ARG 62  
63  1 Y 1 B GLN 470 ? A GLN 85  
64  1 Y 1 B THR 471 ? A THR 86  
65  1 Y 1 B THR 472 ? A THR 87  
66  1 Y 1 B ALA 473 ? A ALA 88  
67  1 Y 1 B LEU 474 ? A LEU 89  
68  1 Y 1 B PRO 475 ? A PRO 90  
69  1 Y 1 B THR 476 ? A THR 91  
70  1 Y 1 B TRP 477 ? A TRP 92  
71  1 Y 1 B GLY 478 ? A GLY 93  
72  1 Y 1 B LEU 479 ? A LEU 94  
73  1 Y 1 B ALA 480 ? A ALA 95  
74  1 Y 1 B PRO 481 ? A PRO 96  
75  1 Y 1 B SER 482 ? A SER 97  
76  1 Y 1 B GLY 483 ? A GLY 98  
77  1 Y 1 B LYS 484 ? A LYS 99  
78  1 Y 1 B GLY 485 ? A GLY 100 
79  1 Y 1 B ARG 486 ? A ARG 101 
80  1 Y 1 B GLY 487 ? A GLY 102 
81  1 Y 1 B LEU 488 ? A LEU 103 
82  1 Y 1 B GLN 489 ? A GLN 104 
83  1 Y 1 B HIS 490 ? A HIS 105 
84  1 Y 1 B PRO 491 ? A PRO 106 
85  1 Y 1 B PRO 492 ? A PRO 107 
86  1 Y 1 B PRO 493 ? A PRO 108 
87  1 Y 1 B VAL 494 ? A VAL 109 
88  1 Y 1 B GLY 495 ? A GLY 110 
89  1 Y 1 B SER 496 ? A SER 111 
90  1 Y 1 B GLN 497 ? A GLN 112 
91  1 Y 1 B GLU 498 ? A GLU 113 
92  1 Y 1 B GLY 499 ? A GLY 114 
93  1 Y 1 B PRO 500 ? A PRO 115 
94  1 Y 1 B LYS 501 ? A LYS 116 
95  1 Y 1 B ASP 502 ? A ASP 117 
96  1 Y 1 B PRO 503 ? A PRO 118 
97  1 Y 1 B GLU 504 ? A GLU 119 
98  1 Y 1 B ALA 505 ? A ALA 120 
99  1 Y 1 B TRP 506 ? A TRP 121 
100 1 Y 1 B SER 507 ? A SER 122 
101 1 Y 1 B ARG 508 ? A ARG 123 
102 1 Y 1 B PRO 509 ? A PRO 124 
103 1 Y 1 B GLN 510 ? A GLN 125 
104 1 Y 1 B GLY 511 ? A GLY 126 
105 1 Y 1 B TRP 512 ? A TRP 127 
106 1 Y 1 B TYR 513 ? A TYR 128 
107 1 Y 1 B ASN 514 ? A ASN 129 
108 1 Y 1 B HIS 515 ? A HIS 130 
109 1 Y 1 B SER 516 ? A SER 131 
110 1 Y 1 B GLY 517 ? A GLY 132 
111 1 Y 1 B LYS 518 ? A LYS 133 
112 1 Y 1 B LEU 519 ? A LEU 134 
113 1 Y 1 B GLU 520 ? A GLU 135 
114 1 Y 1 B HIS 521 ? A HIS 136 
115 1 Y 1 B HIS 522 ? A HIS 137 
116 1 Y 1 B HIS 523 ? A HIS 138 
117 1 Y 1 B HIS 524 ? A HIS 139 
118 1 Y 1 B HIS 525 ? A HIS 140 
119 1 Y 1 B HIS 526 ? A HIS 141 
120 1 Y 1 A MET 386 ? B MET 1   
121 1 Y 1 A GLY 387 ? B GLY 2   
122 1 Y 1 A SER 388 ? B SER 3   
123 1 Y 1 A SER 389 ? B SER 4   
124 1 Y 1 A ASP 390 ? B ASP 5   
125 1 Y 1 A SER 391 ? B SER 6   
126 1 Y 1 A MET 392 ? B MET 7   
127 1 Y 1 A ALA 393 ? B ALA 8   
128 1 Y 1 A GLN 394 ? B GLN 9   
129 1 Y 1 A PRO 395 ? B PRO 10  
130 1 Y 1 A PRO 396 ? B PRO 11  
131 1 Y 1 A GLN 397 ? B GLN 12  
132 1 Y 1 A THR 398 ? B THR 13  
133 1 Y 1 A PRO 399 ? B PRO 14  
134 1 Y 1 A GLU 400 ? B GLU 15  
135 1 Y 1 A THR 401 ? B THR 16  
136 1 Y 1 A SER 402 ? B SER 17  
137 1 Y 1 A THR 403 ? B THR 18  
138 1 Y 1 A PHE 404 ? B PHE 19  
139 1 Y 1 A ARG 405 ? B ARG 20  
140 1 Y 1 A ASN 406 ? B ASN 21  
141 1 Y 1 A GLN 407 ? B GLN 22  
142 1 Y 1 A MET 408 ? B MET 23  
143 1 Y 1 A PRO 409 ? B PRO 24  
144 1 Y 1 A SER 410 ? B SER 25  
145 1 Y 1 A PRO 411 ? B PRO 26  
146 1 Y 1 A THR 412 ? B THR 27  
147 1 Y 1 A SER 413 ? B SER 28  
148 1 Y 1 A THR 414 ? B THR 29  
149 1 Y 1 A GLY 415 ? B GLY 30  
150 1 Y 1 A THR 416 ? B THR 31  
151 1 Y 1 A PRO 417 ? B PRO 32  
152 1 Y 1 A SER 418 ? B SER 33  
153 1 Y 1 A PRO 419 ? B PRO 34  
154 1 Y 1 A GLY 420 ? B GLY 35  
155 1 Y 1 A PRO 421 ? B PRO 36  
156 1 Y 1 A ARG 422 ? B ARG 37  
157 1 Y 1 A GLY 423 ? B GLY 38  
158 1 Y 1 A ASN 424 ? B ASN 39  
159 1 Y 1 A GLN 425 ? B GLN 40  
160 1 Y 1 A GLY 426 ? B GLY 41  
161 1 Y 1 A ALA 427 ? B ALA 42  
162 1 Y 1 A GLU 428 ? B GLU 43  
163 1 Y 1 A ARG 429 ? B ARG 44  
164 1 Y 1 A GLN 430 ? B GLN 45  
165 1 Y 1 A GLY 431 ? B GLY 46  
166 1 Y 1 A MET 432 ? B MET 47  
167 1 Y 1 A ASN 433 ? B ASN 48  
168 1 Y 1 A TRP 434 ? B TRP 49  
169 1 Y 1 A SER 435 ? B SER 50  
170 1 Y 1 A CYS 436 ? B CYS 51  
171 1 Y 1 A ARG 437 ? B ARG 52  
172 1 Y 1 A THR 438 ? B THR 53  
173 1 Y 1 A PRO 439 ? B PRO 54  
174 1 Y 1 A GLU 440 ? B GLU 55  
175 1 Y 1 A PRO 441 ? B PRO 56  
176 1 Y 1 A ASN 442 ? B ASN 57  
177 1 Y 1 A PRO 443 ? B PRO 58  
178 1 Y 1 A VAL 444 ? B VAL 59  
179 1 Y 1 A THR 445 ? B THR 60  
180 1 Y 1 A GLY 446 ? B GLY 61  
181 1 Y 1 A ARG 447 ? B ARG 62  
182 1 Y 1 A GLN 470 ? B GLN 85  
183 1 Y 1 A THR 471 ? B THR 86  
184 1 Y 1 A THR 472 ? B THR 87  
185 1 Y 1 A ALA 473 ? B ALA 88  
186 1 Y 1 A LEU 474 ? B LEU 89  
187 1 Y 1 A PRO 475 ? B PRO 90  
188 1 Y 1 A THR 476 ? B THR 91  
189 1 Y 1 A TRP 477 ? B TRP 92  
190 1 Y 1 A GLY 478 ? B GLY 93  
191 1 Y 1 A LEU 479 ? B LEU 94  
192 1 Y 1 A ALA 480 ? B ALA 95  
193 1 Y 1 A PRO 481 ? B PRO 96  
194 1 Y 1 A SER 482 ? B SER 97  
195 1 Y 1 A GLY 483 ? B GLY 98  
196 1 Y 1 A LYS 484 ? B LYS 99  
197 1 Y 1 A GLY 485 ? B GLY 100 
198 1 Y 1 A ARG 486 ? B ARG 101 
199 1 Y 1 A GLY 487 ? B GLY 102 
200 1 Y 1 A LEU 488 ? B LEU 103 
201 1 Y 1 A GLN 489 ? B GLN 104 
202 1 Y 1 A HIS 490 ? B HIS 105 
203 1 Y 1 A PRO 491 ? B PRO 106 
204 1 Y 1 A PRO 492 ? B PRO 107 
205 1 Y 1 A PRO 493 ? B PRO 108 
206 1 Y 1 A VAL 494 ? B VAL 109 
207 1 Y 1 A GLY 495 ? B GLY 110 
208 1 Y 1 A SER 496 ? B SER 111 
209 1 Y 1 A GLN 497 ? B GLN 112 
210 1 Y 1 A GLU 498 ? B GLU 113 
211 1 Y 1 A GLY 499 ? B GLY 114 
212 1 Y 1 A PRO 500 ? B PRO 115 
213 1 Y 1 A LYS 501 ? B LYS 116 
214 1 Y 1 A ASP 502 ? B ASP 117 
215 1 Y 1 A PRO 503 ? B PRO 118 
216 1 Y 1 A GLU 504 ? B GLU 119 
217 1 Y 1 A ALA 505 ? B ALA 120 
218 1 Y 1 A TRP 506 ? B TRP 121 
219 1 Y 1 A SER 507 ? B SER 122 
220 1 Y 1 A ARG 508 ? B ARG 123 
221 1 Y 1 A PRO 509 ? B PRO 124 
222 1 Y 1 A GLN 510 ? B GLN 125 
223 1 Y 1 A GLY 511 ? B GLY 126 
224 1 Y 1 A TRP 512 ? B TRP 127 
225 1 Y 1 A TYR 513 ? B TYR 128 
226 1 Y 1 A ASN 514 ? B ASN 129 
227 1 Y 1 A HIS 515 ? B HIS 130 
228 1 Y 1 A SER 516 ? B SER 131 
229 1 Y 1 A GLY 517 ? B GLY 132 
230 1 Y 1 A LYS 518 ? B LYS 133 
231 1 Y 1 A LEU 519 ? B LEU 134 
232 1 Y 1 A GLU 520 ? B GLU 135 
233 1 Y 1 A HIS 521 ? B HIS 136 
234 1 Y 1 A HIS 522 ? B HIS 137 
235 1 Y 1 A HIS 523 ? B HIS 138 
236 1 Y 1 A HIS 524 ? B HIS 139 
237 1 Y 1 A HIS 525 ? B HIS 140 
238 1 Y 1 A HIS 526 ? B HIS 141 
239 1 Y 1 C MET 386 ? C MET 1   
240 1 Y 1 C GLY 387 ? C GLY 2   
241 1 Y 1 C SER 388 ? C SER 3   
242 1 Y 1 C SER 389 ? C SER 4   
243 1 Y 1 C ASP 390 ? C ASP 5   
244 1 Y 1 C SER 391 ? C SER 6   
245 1 Y 1 C MET 392 ? C MET 7   
246 1 Y 1 C ALA 393 ? C ALA 8   
247 1 Y 1 C GLN 394 ? C GLN 9   
248 1 Y 1 C PRO 395 ? C PRO 10  
249 1 Y 1 C PRO 396 ? C PRO 11  
250 1 Y 1 C GLN 397 ? C GLN 12  
251 1 Y 1 C THR 398 ? C THR 13  
252 1 Y 1 C PRO 399 ? C PRO 14  
253 1 Y 1 C GLU 400 ? C GLU 15  
254 1 Y 1 C THR 401 ? C THR 16  
255 1 Y 1 C SER 402 ? C SER 17  
256 1 Y 1 C THR 403 ? C THR 18  
257 1 Y 1 C PHE 404 ? C PHE 19  
258 1 Y 1 C ARG 405 ? C ARG 20  
259 1 Y 1 C ASN 406 ? C ASN 21  
260 1 Y 1 C GLN 407 ? C GLN 22  
261 1 Y 1 C MET 408 ? C MET 23  
262 1 Y 1 C PRO 409 ? C PRO 24  
263 1 Y 1 C SER 410 ? C SER 25  
264 1 Y 1 C PRO 411 ? C PRO 26  
265 1 Y 1 C THR 412 ? C THR 27  
266 1 Y 1 C SER 413 ? C SER 28  
267 1 Y 1 C THR 414 ? C THR 29  
268 1 Y 1 C GLY 415 ? C GLY 30  
269 1 Y 1 C THR 416 ? C THR 31  
270 1 Y 1 C PRO 417 ? C PRO 32  
271 1 Y 1 C SER 418 ? C SER 33  
272 1 Y 1 C PRO 419 ? C PRO 34  
273 1 Y 1 C GLY 420 ? C GLY 35  
274 1 Y 1 C PRO 421 ? C PRO 36  
275 1 Y 1 C ARG 422 ? C ARG 37  
276 1 Y 1 C GLY 423 ? C GLY 38  
277 1 Y 1 C ASN 424 ? C ASN 39  
278 1 Y 1 C GLN 425 ? C GLN 40  
279 1 Y 1 C GLY 426 ? C GLY 41  
280 1 Y 1 C ALA 427 ? C ALA 42  
281 1 Y 1 C GLU 428 ? C GLU 43  
282 1 Y 1 C ARG 429 ? C ARG 44  
283 1 Y 1 C GLN 430 ? C GLN 45  
284 1 Y 1 C GLY 431 ? C GLY 46  
285 1 Y 1 C MET 432 ? C MET 47  
286 1 Y 1 C ASN 433 ? C ASN 48  
287 1 Y 1 C TRP 434 ? C TRP 49  
288 1 Y 1 C SER 435 ? C SER 50  
289 1 Y 1 C CYS 436 ? C CYS 51  
290 1 Y 1 C ARG 437 ? C ARG 52  
291 1 Y 1 C THR 438 ? C THR 53  
292 1 Y 1 C PRO 439 ? C PRO 54  
293 1 Y 1 C GLU 440 ? C GLU 55  
294 1 Y 1 C PRO 441 ? C PRO 56  
295 1 Y 1 C ASN 442 ? C ASN 57  
296 1 Y 1 C PRO 443 ? C PRO 58  
297 1 Y 1 C VAL 444 ? C VAL 59  
298 1 Y 1 C THR 445 ? C THR 60  
299 1 Y 1 C GLY 446 ? C GLY 61  
300 1 Y 1 C ARG 447 ? C ARG 62  
301 1 Y 1 C GLN 470 ? C GLN 85  
302 1 Y 1 C THR 471 ? C THR 86  
303 1 Y 1 C THR 472 ? C THR 87  
304 1 Y 1 C ALA 473 ? C ALA 88  
305 1 Y 1 C LEU 474 ? C LEU 89  
306 1 Y 1 C PRO 475 ? C PRO 90  
307 1 Y 1 C THR 476 ? C THR 91  
308 1 Y 1 C TRP 477 ? C TRP 92  
309 1 Y 1 C GLY 478 ? C GLY 93  
310 1 Y 1 C LEU 479 ? C LEU 94  
311 1 Y 1 C ALA 480 ? C ALA 95  
312 1 Y 1 C PRO 481 ? C PRO 96  
313 1 Y 1 C SER 482 ? C SER 97  
314 1 Y 1 C GLY 483 ? C GLY 98  
315 1 Y 1 C LYS 484 ? C LYS 99  
316 1 Y 1 C GLY 485 ? C GLY 100 
317 1 Y 1 C ARG 486 ? C ARG 101 
318 1 Y 1 C GLY 487 ? C GLY 102 
319 1 Y 1 C LEU 488 ? C LEU 103 
320 1 Y 1 C GLN 489 ? C GLN 104 
321 1 Y 1 C HIS 490 ? C HIS 105 
322 1 Y 1 C PRO 491 ? C PRO 106 
323 1 Y 1 C PRO 492 ? C PRO 107 
324 1 Y 1 C PRO 493 ? C PRO 108 
325 1 Y 1 C VAL 494 ? C VAL 109 
326 1 Y 1 C GLY 495 ? C GLY 110 
327 1 Y 1 C SER 496 ? C SER 111 
328 1 Y 1 C GLN 497 ? C GLN 112 
329 1 Y 1 C GLU 498 ? C GLU 113 
330 1 Y 1 C GLY 499 ? C GLY 114 
331 1 Y 1 C PRO 500 ? C PRO 115 
332 1 Y 1 C LYS 501 ? C LYS 116 
333 1 Y 1 C ASP 502 ? C ASP 117 
334 1 Y 1 C PRO 503 ? C PRO 118 
335 1 Y 1 C GLU 504 ? C GLU 119 
336 1 Y 1 C ALA 505 ? C ALA 120 
337 1 Y 1 C TRP 506 ? C TRP 121 
338 1 Y 1 C SER 507 ? C SER 122 
339 1 Y 1 C ARG 508 ? C ARG 123 
340 1 Y 1 C PRO 509 ? C PRO 124 
341 1 Y 1 C GLN 510 ? C GLN 125 
342 1 Y 1 C GLY 511 ? C GLY 126 
343 1 Y 1 C TRP 512 ? C TRP 127 
344 1 Y 1 C TYR 513 ? C TYR 128 
345 1 Y 1 C ASN 514 ? C ASN 129 
346 1 Y 1 C HIS 515 ? C HIS 130 
347 1 Y 1 C SER 516 ? C SER 131 
348 1 Y 1 C GLY 517 ? C GLY 132 
349 1 Y 1 C LYS 518 ? C LYS 133 
350 1 Y 1 C LEU 519 ? C LEU 134 
351 1 Y 1 C GLU 520 ? C GLU 135 
352 1 Y 1 C HIS 521 ? C HIS 136 
353 1 Y 1 C HIS 522 ? C HIS 137 
354 1 Y 1 C HIS 523 ? C HIS 138 
355 1 Y 1 C HIS 524 ? C HIS 139 
356 1 Y 1 C HIS 525 ? C HIS 140 
357 1 Y 1 C HIS 526 ? C HIS 141 
# 
loop_
_chem_comp_atom.comp_id 
_chem_comp_atom.atom_id 
_chem_comp_atom.type_symbol 
_chem_comp_atom.pdbx_aromatic_flag 
_chem_comp_atom.pdbx_stereo_config 
_chem_comp_atom.pdbx_ordinal 
ALA N    N N N 1   
ALA CA   C N S 2   
ALA C    C N N 3   
ALA O    O N N 4   
ALA CB   C N N 5   
ALA OXT  O N N 6   
ALA H    H N N 7   
ALA H2   H N N 8   
ALA HA   H N N 9   
ALA HB1  H N N 10  
ALA HB2  H N N 11  
ALA HB3  H N N 12  
ALA HXT  H N N 13  
ARG N    N N N 14  
ARG CA   C N S 15  
ARG C    C N N 16  
ARG O    O N N 17  
ARG CB   C N N 18  
ARG CG   C N N 19  
ARG CD   C N N 20  
ARG NE   N N N 21  
ARG CZ   C N N 22  
ARG NH1  N N N 23  
ARG NH2  N N N 24  
ARG OXT  O N N 25  
ARG H    H N N 26  
ARG H2   H N N 27  
ARG HA   H N N 28  
ARG HB2  H N N 29  
ARG HB3  H N N 30  
ARG HG2  H N N 31  
ARG HG3  H N N 32  
ARG HD2  H N N 33  
ARG HD3  H N N 34  
ARG HE   H N N 35  
ARG HH11 H N N 36  
ARG HH12 H N N 37  
ARG HH21 H N N 38  
ARG HH22 H N N 39  
ARG HXT  H N N 40  
ASN N    N N N 41  
ASN CA   C N S 42  
ASN C    C N N 43  
ASN O    O N N 44  
ASN CB   C N N 45  
ASN CG   C N N 46  
ASN OD1  O N N 47  
ASN ND2  N N N 48  
ASN OXT  O N N 49  
ASN H    H N N 50  
ASN H2   H N N 51  
ASN HA   H N N 52  
ASN HB2  H N N 53  
ASN HB3  H N N 54  
ASN HD21 H N N 55  
ASN HD22 H N N 56  
ASN HXT  H N N 57  
ASP N    N N N 58  
ASP CA   C N S 59  
ASP C    C N N 60  
ASP O    O N N 61  
ASP CB   C N N 62  
ASP CG   C N N 63  
ASP OD1  O N N 64  
ASP OD2  O N N 65  
ASP OXT  O N N 66  
ASP H    H N N 67  
ASP H2   H N N 68  
ASP HA   H N N 69  
ASP HB2  H N N 70  
ASP HB3  H N N 71  
ASP HD2  H N N 72  
ASP HXT  H N N 73  
CYS N    N N N 74  
CYS CA   C N R 75  
CYS C    C N N 76  
CYS O    O N N 77  
CYS CB   C N N 78  
CYS SG   S N N 79  
CYS OXT  O N N 80  
CYS H    H N N 81  
CYS H2   H N N 82  
CYS HA   H N N 83  
CYS HB2  H N N 84  
CYS HB3  H N N 85  
CYS HG   H N N 86  
CYS HXT  H N N 87  
GLN N    N N N 88  
GLN CA   C N S 89  
GLN C    C N N 90  
GLN O    O N N 91  
GLN CB   C N N 92  
GLN CG   C N N 93  
GLN CD   C N N 94  
GLN OE1  O N N 95  
GLN NE2  N N N 96  
GLN OXT  O N N 97  
GLN H    H N N 98  
GLN H2   H N N 99  
GLN HA   H N N 100 
GLN HB2  H N N 101 
GLN HB3  H N N 102 
GLN HG2  H N N 103 
GLN HG3  H N N 104 
GLN HE21 H N N 105 
GLN HE22 H N N 106 
GLN HXT  H N N 107 
GLU N    N N N 108 
GLU CA   C N S 109 
GLU C    C N N 110 
GLU O    O N N 111 
GLU CB   C N N 112 
GLU CG   C N N 113 
GLU CD   C N N 114 
GLU OE1  O N N 115 
GLU OE2  O N N 116 
GLU OXT  O N N 117 
GLU H    H N N 118 
GLU H2   H N N 119 
GLU HA   H N N 120 
GLU HB2  H N N 121 
GLU HB3  H N N 122 
GLU HG2  H N N 123 
GLU HG3  H N N 124 
GLU HE2  H N N 125 
GLU HXT  H N N 126 
GLY N    N N N 127 
GLY CA   C N N 128 
GLY C    C N N 129 
GLY O    O N N 130 
GLY OXT  O N N 131 
GLY H    H N N 132 
GLY H2   H N N 133 
GLY HA2  H N N 134 
GLY HA3  H N N 135 
GLY HXT  H N N 136 
HIS N    N N N 137 
HIS CA   C N S 138 
HIS C    C N N 139 
HIS O    O N N 140 
HIS CB   C N N 141 
HIS CG   C Y N 142 
HIS ND1  N Y N 143 
HIS CD2  C Y N 144 
HIS CE1  C Y N 145 
HIS NE2  N Y N 146 
HIS OXT  O N N 147 
HIS H    H N N 148 
HIS H2   H N N 149 
HIS HA   H N N 150 
HIS HB2  H N N 151 
HIS HB3  H N N 152 
HIS HD1  H N N 153 
HIS HD2  H N N 154 
HIS HE1  H N N 155 
HIS HE2  H N N 156 
HIS HXT  H N N 157 
ILE N    N N N 158 
ILE CA   C N S 159 
ILE C    C N N 160 
ILE O    O N N 161 
ILE CB   C N S 162 
ILE CG1  C N N 163 
ILE CG2  C N N 164 
ILE CD1  C N N 165 
ILE OXT  O N N 166 
ILE H    H N N 167 
ILE H2   H N N 168 
ILE HA   H N N 169 
ILE HB   H N N 170 
ILE HG12 H N N 171 
ILE HG13 H N N 172 
ILE HG21 H N N 173 
ILE HG22 H N N 174 
ILE HG23 H N N 175 
ILE HD11 H N N 176 
ILE HD12 H N N 177 
ILE HD13 H N N 178 
ILE HXT  H N N 179 
LEU N    N N N 180 
LEU CA   C N S 181 
LEU C    C N N 182 
LEU O    O N N 183 
LEU CB   C N N 184 
LEU CG   C N N 185 
LEU CD1  C N N 186 
LEU CD2  C N N 187 
LEU OXT  O N N 188 
LEU H    H N N 189 
LEU H2   H N N 190 
LEU HA   H N N 191 
LEU HB2  H N N 192 
LEU HB3  H N N 193 
LEU HG   H N N 194 
LEU HD11 H N N 195 
LEU HD12 H N N 196 
LEU HD13 H N N 197 
LEU HD21 H N N 198 
LEU HD22 H N N 199 
LEU HD23 H N N 200 
LEU HXT  H N N 201 
LYS N    N N N 202 
LYS CA   C N S 203 
LYS C    C N N 204 
LYS O    O N N 205 
LYS CB   C N N 206 
LYS CG   C N N 207 
LYS CD   C N N 208 
LYS CE   C N N 209 
LYS NZ   N N N 210 
LYS OXT  O N N 211 
LYS H    H N N 212 
LYS H2   H N N 213 
LYS HA   H N N 214 
LYS HB2  H N N 215 
LYS HB3  H N N 216 
LYS HG2  H N N 217 
LYS HG3  H N N 218 
LYS HD2  H N N 219 
LYS HD3  H N N 220 
LYS HE2  H N N 221 
LYS HE3  H N N 222 
LYS HZ1  H N N 223 
LYS HZ2  H N N 224 
LYS HZ3  H N N 225 
LYS HXT  H N N 226 
MET N    N N N 227 
MET CA   C N S 228 
MET C    C N N 229 
MET O    O N N 230 
MET CB   C N N 231 
MET CG   C N N 232 
MET SD   S N N 233 
MET CE   C N N 234 
MET OXT  O N N 235 
MET H    H N N 236 
MET H2   H N N 237 
MET HA   H N N 238 
MET HB2  H N N 239 
MET HB3  H N N 240 
MET HG2  H N N 241 
MET HG3  H N N 242 
MET HE1  H N N 243 
MET HE2  H N N 244 
MET HE3  H N N 245 
MET HXT  H N N 246 
PHE N    N N N 247 
PHE CA   C N S 248 
PHE C    C N N 249 
PHE O    O N N 250 
PHE CB   C N N 251 
PHE CG   C Y N 252 
PHE CD1  C Y N 253 
PHE CD2  C Y N 254 
PHE CE1  C Y N 255 
PHE CE2  C Y N 256 
PHE CZ   C Y N 257 
PHE OXT  O N N 258 
PHE H    H N N 259 
PHE H2   H N N 260 
PHE HA   H N N 261 
PHE HB2  H N N 262 
PHE HB3  H N N 263 
PHE HD1  H N N 264 
PHE HD2  H N N 265 
PHE HE1  H N N 266 
PHE HE2  H N N 267 
PHE HZ   H N N 268 
PHE HXT  H N N 269 
PRO N    N N N 270 
PRO CA   C N S 271 
PRO C    C N N 272 
PRO O    O N N 273 
PRO CB   C N N 274 
PRO CG   C N N 275 
PRO CD   C N N 276 
PRO OXT  O N N 277 
PRO H    H N N 278 
PRO HA   H N N 279 
PRO HB2  H N N 280 
PRO HB3  H N N 281 
PRO HG2  H N N 282 
PRO HG3  H N N 283 
PRO HD2  H N N 284 
PRO HD3  H N N 285 
PRO HXT  H N N 286 
SER N    N N N 287 
SER CA   C N S 288 
SER C    C N N 289 
SER O    O N N 290 
SER CB   C N N 291 
SER OG   O N N 292 
SER OXT  O N N 293 
SER H    H N N 294 
SER H2   H N N 295 
SER HA   H N N 296 
SER HB2  H N N 297 
SER HB3  H N N 298 
SER HG   H N N 299 
SER HXT  H N N 300 
THR N    N N N 301 
THR CA   C N S 302 
THR C    C N N 303 
THR O    O N N 304 
THR CB   C N R 305 
THR OG1  O N N 306 
THR CG2  C N N 307 
THR OXT  O N N 308 
THR H    H N N 309 
THR H2   H N N 310 
THR HA   H N N 311 
THR HB   H N N 312 
THR HG1  H N N 313 
THR HG21 H N N 314 
THR HG22 H N N 315 
THR HG23 H N N 316 
THR HXT  H N N 317 
TRP N    N N N 318 
TRP CA   C N S 319 
TRP C    C N N 320 
TRP O    O N N 321 
TRP CB   C N N 322 
TRP CG   C Y N 323 
TRP CD1  C Y N 324 
TRP CD2  C Y N 325 
TRP NE1  N Y N 326 
TRP CE2  C Y N 327 
TRP CE3  C Y N 328 
TRP CZ2  C Y N 329 
TRP CZ3  C Y N 330 
TRP CH2  C Y N 331 
TRP OXT  O N N 332 
TRP H    H N N 333 
TRP H2   H N N 334 
TRP HA   H N N 335 
TRP HB2  H N N 336 
TRP HB3  H N N 337 
TRP HD1  H N N 338 
TRP HE1  H N N 339 
TRP HE3  H N N 340 
TRP HZ2  H N N 341 
TRP HZ3  H N N 342 
TRP HH2  H N N 343 
TRP HXT  H N N 344 
TYR N    N N N 345 
TYR CA   C N S 346 
TYR C    C N N 347 
TYR O    O N N 348 
TYR CB   C N N 349 
TYR CG   C Y N 350 
TYR CD1  C Y N 351 
TYR CD2  C Y N 352 
TYR CE1  C Y N 353 
TYR CE2  C Y N 354 
TYR CZ   C Y N 355 
TYR OH   O N N 356 
TYR OXT  O N N 357 
TYR H    H N N 358 
TYR H2   H N N 359 
TYR HA   H N N 360 
TYR HB2  H N N 361 
TYR HB3  H N N 362 
TYR HD1  H N N 363 
TYR HD2  H N N 364 
TYR HE1  H N N 365 
TYR HE2  H N N 366 
TYR HH   H N N 367 
TYR HXT  H N N 368 
VAL N    N N N 369 
VAL CA   C N S 370 
VAL C    C N N 371 
VAL O    O N N 372 
VAL CB   C N N 373 
VAL CG1  C N N 374 
VAL CG2  C N N 375 
VAL OXT  O N N 376 
VAL H    H N N 377 
VAL H2   H N N 378 
VAL HA   H N N 379 
VAL HB   H N N 380 
VAL HG11 H N N 381 
VAL HG12 H N N 382 
VAL HG13 H N N 383 
VAL HG21 H N N 384 
VAL HG22 H N N 385 
VAL HG23 H N N 386 
VAL HXT  H N N 387 
# 
loop_
_chem_comp_bond.comp_id 
_chem_comp_bond.atom_id_1 
_chem_comp_bond.atom_id_2 
_chem_comp_bond.value_order 
_chem_comp_bond.pdbx_aromatic_flag 
_chem_comp_bond.pdbx_stereo_config 
_chem_comp_bond.pdbx_ordinal 
ALA N   CA   sing N N 1   
ALA N   H    sing N N 2   
ALA N   H2   sing N N 3   
ALA CA  C    sing N N 4   
ALA CA  CB   sing N N 5   
ALA CA  HA   sing N N 6   
ALA C   O    doub N N 7   
ALA C   OXT  sing N N 8   
ALA CB  HB1  sing N N 9   
ALA CB  HB2  sing N N 10  
ALA CB  HB3  sing N N 11  
ALA OXT HXT  sing N N 12  
ARG N   CA   sing N N 13  
ARG N   H    sing N N 14  
ARG N   H2   sing N N 15  
ARG CA  C    sing N N 16  
ARG CA  CB   sing N N 17  
ARG CA  HA   sing N N 18  
ARG C   O    doub N N 19  
ARG C   OXT  sing N N 20  
ARG CB  CG   sing N N 21  
ARG CB  HB2  sing N N 22  
ARG CB  HB3  sing N N 23  
ARG CG  CD   sing N N 24  
ARG CG  HG2  sing N N 25  
ARG CG  HG3  sing N N 26  
ARG CD  NE   sing N N 27  
ARG CD  HD2  sing N N 28  
ARG CD  HD3  sing N N 29  
ARG NE  CZ   sing N N 30  
ARG NE  HE   sing N N 31  
ARG CZ  NH1  sing N N 32  
ARG CZ  NH2  doub N N 33  
ARG NH1 HH11 sing N N 34  
ARG NH1 HH12 sing N N 35  
ARG NH2 HH21 sing N N 36  
ARG NH2 HH22 sing N N 37  
ARG OXT HXT  sing N N 38  
ASN N   CA   sing N N 39  
ASN N   H    sing N N 40  
ASN N   H2   sing N N 41  
ASN CA  C    sing N N 42  
ASN CA  CB   sing N N 43  
ASN CA  HA   sing N N 44  
ASN C   O    doub N N 45  
ASN C   OXT  sing N N 46  
ASN CB  CG   sing N N 47  
ASN CB  HB2  sing N N 48  
ASN CB  HB3  sing N N 49  
ASN CG  OD1  doub N N 50  
ASN CG  ND2  sing N N 51  
ASN ND2 HD21 sing N N 52  
ASN ND2 HD22 sing N N 53  
ASN OXT HXT  sing N N 54  
ASP N   CA   sing N N 55  
ASP N   H    sing N N 56  
ASP N   H2   sing N N 57  
ASP CA  C    sing N N 58  
ASP CA  CB   sing N N 59  
ASP CA  HA   sing N N 60  
ASP C   O    doub N N 61  
ASP C   OXT  sing N N 62  
ASP CB  CG   sing N N 63  
ASP CB  HB2  sing N N 64  
ASP CB  HB3  sing N N 65  
ASP CG  OD1  doub N N 66  
ASP CG  OD2  sing N N 67  
ASP OD2 HD2  sing N N 68  
ASP OXT HXT  sing N N 69  
CYS N   CA   sing N N 70  
CYS N   H    sing N N 71  
CYS N   H2   sing N N 72  
CYS CA  C    sing N N 73  
CYS CA  CB   sing N N 74  
CYS CA  HA   sing N N 75  
CYS C   O    doub N N 76  
CYS C   OXT  sing N N 77  
CYS CB  SG   sing N N 78  
CYS CB  HB2  sing N N 79  
CYS CB  HB3  sing N N 80  
CYS SG  HG   sing N N 81  
CYS OXT HXT  sing N N 82  
GLN N   CA   sing N N 83  
GLN N   H    sing N N 84  
GLN N   H2   sing N N 85  
GLN CA  C    sing N N 86  
GLN CA  CB   sing N N 87  
GLN CA  HA   sing N N 88  
GLN C   O    doub N N 89  
GLN C   OXT  sing N N 90  
GLN CB  CG   sing N N 91  
GLN CB  HB2  sing N N 92  
GLN CB  HB3  sing N N 93  
GLN CG  CD   sing N N 94  
GLN CG  HG2  sing N N 95  
GLN CG  HG3  sing N N 96  
GLN CD  OE1  doub N N 97  
GLN CD  NE2  sing N N 98  
GLN NE2 HE21 sing N N 99  
GLN NE2 HE22 sing N N 100 
GLN OXT HXT  sing N N 101 
GLU N   CA   sing N N 102 
GLU N   H    sing N N 103 
GLU N   H2   sing N N 104 
GLU CA  C    sing N N 105 
GLU CA  CB   sing N N 106 
GLU CA  HA   sing N N 107 
GLU C   O    doub N N 108 
GLU C   OXT  sing N N 109 
GLU CB  CG   sing N N 110 
GLU CB  HB2  sing N N 111 
GLU CB  HB3  sing N N 112 
GLU CG  CD   sing N N 113 
GLU CG  HG2  sing N N 114 
GLU CG  HG3  sing N N 115 
GLU CD  OE1  doub N N 116 
GLU CD  OE2  sing N N 117 
GLU OE2 HE2  sing N N 118 
GLU OXT HXT  sing N N 119 
GLY N   CA   sing N N 120 
GLY N   H    sing N N 121 
GLY N   H2   sing N N 122 
GLY CA  C    sing N N 123 
GLY CA  HA2  sing N N 124 
GLY CA  HA3  sing N N 125 
GLY C   O    doub N N 126 
GLY C   OXT  sing N N 127 
GLY OXT HXT  sing N N 128 
HIS N   CA   sing N N 129 
HIS N   H    sing N N 130 
HIS N   H2   sing N N 131 
HIS CA  C    sing N N 132 
HIS CA  CB   sing N N 133 
HIS CA  HA   sing N N 134 
HIS C   O    doub N N 135 
HIS C   OXT  sing N N 136 
HIS CB  CG   sing N N 137 
HIS CB  HB2  sing N N 138 
HIS CB  HB3  sing N N 139 
HIS CG  ND1  sing Y N 140 
HIS CG  CD2  doub Y N 141 
HIS ND1 CE1  doub Y N 142 
HIS ND1 HD1  sing N N 143 
HIS CD2 NE2  sing Y N 144 
HIS CD2 HD2  sing N N 145 
HIS CE1 NE2  sing Y N 146 
HIS CE1 HE1  sing N N 147 
HIS NE2 HE2  sing N N 148 
HIS OXT HXT  sing N N 149 
ILE N   CA   sing N N 150 
ILE N   H    sing N N 151 
ILE N   H2   sing N N 152 
ILE CA  C    sing N N 153 
ILE CA  CB   sing N N 154 
ILE CA  HA   sing N N 155 
ILE C   O    doub N N 156 
ILE C   OXT  sing N N 157 
ILE CB  CG1  sing N N 158 
ILE CB  CG2  sing N N 159 
ILE CB  HB   sing N N 160 
ILE CG1 CD1  sing N N 161 
ILE CG1 HG12 sing N N 162 
ILE CG1 HG13 sing N N 163 
ILE CG2 HG21 sing N N 164 
ILE CG2 HG22 sing N N 165 
ILE CG2 HG23 sing N N 166 
ILE CD1 HD11 sing N N 167 
ILE CD1 HD12 sing N N 168 
ILE CD1 HD13 sing N N 169 
ILE OXT HXT  sing N N 170 
LEU N   CA   sing N N 171 
LEU N   H    sing N N 172 
LEU N   H2   sing N N 173 
LEU CA  C    sing N N 174 
LEU CA  CB   sing N N 175 
LEU CA  HA   sing N N 176 
LEU C   O    doub N N 177 
LEU C   OXT  sing N N 178 
LEU CB  CG   sing N N 179 
LEU CB  HB2  sing N N 180 
LEU CB  HB3  sing N N 181 
LEU CG  CD1  sing N N 182 
LEU CG  CD2  sing N N 183 
LEU CG  HG   sing N N 184 
LEU CD1 HD11 sing N N 185 
LEU CD1 HD12 sing N N 186 
LEU CD1 HD13 sing N N 187 
LEU CD2 HD21 sing N N 188 
LEU CD2 HD22 sing N N 189 
LEU CD2 HD23 sing N N 190 
LEU OXT HXT  sing N N 191 
LYS N   CA   sing N N 192 
LYS N   H    sing N N 193 
LYS N   H2   sing N N 194 
LYS CA  C    sing N N 195 
LYS CA  CB   sing N N 196 
LYS CA  HA   sing N N 197 
LYS C   O    doub N N 198 
LYS C   OXT  sing N N 199 
LYS CB  CG   sing N N 200 
LYS CB  HB2  sing N N 201 
LYS CB  HB3  sing N N 202 
LYS CG  CD   sing N N 203 
LYS CG  HG2  sing N N 204 
LYS CG  HG3  sing N N 205 
LYS CD  CE   sing N N 206 
LYS CD  HD2  sing N N 207 
LYS CD  HD3  sing N N 208 
LYS CE  NZ   sing N N 209 
LYS CE  HE2  sing N N 210 
LYS CE  HE3  sing N N 211 
LYS NZ  HZ1  sing N N 212 
LYS NZ  HZ2  sing N N 213 
LYS NZ  HZ3  sing N N 214 
LYS OXT HXT  sing N N 215 
MET N   CA   sing N N 216 
MET N   H    sing N N 217 
MET N   H2   sing N N 218 
MET CA  C    sing N N 219 
MET CA  CB   sing N N 220 
MET CA  HA   sing N N 221 
MET C   O    doub N N 222 
MET C   OXT  sing N N 223 
MET CB  CG   sing N N 224 
MET CB  HB2  sing N N 225 
MET CB  HB3  sing N N 226 
MET CG  SD   sing N N 227 
MET CG  HG2  sing N N 228 
MET CG  HG3  sing N N 229 
MET SD  CE   sing N N 230 
MET CE  HE1  sing N N 231 
MET CE  HE2  sing N N 232 
MET CE  HE3  sing N N 233 
MET OXT HXT  sing N N 234 
PHE N   CA   sing N N 235 
PHE N   H    sing N N 236 
PHE N   H2   sing N N 237 
PHE CA  C    sing N N 238 
PHE CA  CB   sing N N 239 
PHE CA  HA   sing N N 240 
PHE C   O    doub N N 241 
PHE C   OXT  sing N N 242 
PHE CB  CG   sing N N 243 
PHE CB  HB2  sing N N 244 
PHE CB  HB3  sing N N 245 
PHE CG  CD1  doub Y N 246 
PHE CG  CD2  sing Y N 247 
PHE CD1 CE1  sing Y N 248 
PHE CD1 HD1  sing N N 249 
PHE CD2 CE2  doub Y N 250 
PHE CD2 HD2  sing N N 251 
PHE CE1 CZ   doub Y N 252 
PHE CE1 HE1  sing N N 253 
PHE CE2 CZ   sing Y N 254 
PHE CE2 HE2  sing N N 255 
PHE CZ  HZ   sing N N 256 
PHE OXT HXT  sing N N 257 
PRO N   CA   sing N N 258 
PRO N   CD   sing N N 259 
PRO N   H    sing N N 260 
PRO CA  C    sing N N 261 
PRO CA  CB   sing N N 262 
PRO CA  HA   sing N N 263 
PRO C   O    doub N N 264 
PRO C   OXT  sing N N 265 
PRO CB  CG   sing N N 266 
PRO CB  HB2  sing N N 267 
PRO CB  HB3  sing N N 268 
PRO CG  CD   sing N N 269 
PRO CG  HG2  sing N N 270 
PRO CG  HG3  sing N N 271 
PRO CD  HD2  sing N N 272 
PRO CD  HD3  sing N N 273 
PRO OXT HXT  sing N N 274 
SER N   CA   sing N N 275 
SER N   H    sing N N 276 
SER N   H2   sing N N 277 
SER CA  C    sing N N 278 
SER CA  CB   sing N N 279 
SER CA  HA   sing N N 280 
SER C   O    doub N N 281 
SER C   OXT  sing N N 282 
SER CB  OG   sing N N 283 
SER CB  HB2  sing N N 284 
SER CB  HB3  sing N N 285 
SER OG  HG   sing N N 286 
SER OXT HXT  sing N N 287 
THR N   CA   sing N N 288 
THR N   H    sing N N 289 
THR N   H2   sing N N 290 
THR CA  C    sing N N 291 
THR CA  CB   sing N N 292 
THR CA  HA   sing N N 293 
THR C   O    doub N N 294 
THR C   OXT  sing N N 295 
THR CB  OG1  sing N N 296 
THR CB  CG2  sing N N 297 
THR CB  HB   sing N N 298 
THR OG1 HG1  sing N N 299 
THR CG2 HG21 sing N N 300 
THR CG2 HG22 sing N N 301 
THR CG2 HG23 sing N N 302 
THR OXT HXT  sing N N 303 
TRP N   CA   sing N N 304 
TRP N   H    sing N N 305 
TRP N   H2   sing N N 306 
TRP CA  C    sing N N 307 
TRP CA  CB   sing N N 308 
TRP CA  HA   sing N N 309 
TRP C   O    doub N N 310 
TRP C   OXT  sing N N 311 
TRP CB  CG   sing N N 312 
TRP CB  HB2  sing N N 313 
TRP CB  HB3  sing N N 314 
TRP CG  CD1  doub Y N 315 
TRP CG  CD2  sing Y N 316 
TRP CD1 NE1  sing Y N 317 
TRP CD1 HD1  sing N N 318 
TRP CD2 CE2  doub Y N 319 
TRP CD2 CE3  sing Y N 320 
TRP NE1 CE2  sing Y N 321 
TRP NE1 HE1  sing N N 322 
TRP CE2 CZ2  sing Y N 323 
TRP CE3 CZ3  doub Y N 324 
TRP CE3 HE3  sing N N 325 
TRP CZ2 CH2  doub Y N 326 
TRP CZ2 HZ2  sing N N 327 
TRP CZ3 CH2  sing Y N 328 
TRP CZ3 HZ3  sing N N 329 
TRP CH2 HH2  sing N N 330 
TRP OXT HXT  sing N N 331 
TYR N   CA   sing N N 332 
TYR N   H    sing N N 333 
TYR N   H2   sing N N 334 
TYR CA  C    sing N N 335 
TYR CA  CB   sing N N 336 
TYR CA  HA   sing N N 337 
TYR C   O    doub N N 338 
TYR C   OXT  sing N N 339 
TYR CB  CG   sing N N 340 
TYR CB  HB2  sing N N 341 
TYR CB  HB3  sing N N 342 
TYR CG  CD1  doub Y N 343 
TYR CG  CD2  sing Y N 344 
TYR CD1 CE1  sing Y N 345 
TYR CD1 HD1  sing N N 346 
TYR CD2 CE2  doub Y N 347 
TYR CD2 HD2  sing N N 348 
TYR CE1 CZ   doub Y N 349 
TYR CE1 HE1  sing N N 350 
TYR CE2 CZ   sing Y N 351 
TYR CE2 HE2  sing N N 352 
TYR CZ  OH   sing N N 353 
TYR OH  HH   sing N N 354 
TYR OXT HXT  sing N N 355 
VAL N   CA   sing N N 356 
VAL N   H    sing N N 357 
VAL N   H2   sing N N 358 
VAL CA  C    sing N N 359 
VAL CA  CB   sing N N 360 
VAL CA  HA   sing N N 361 
VAL C   O    doub N N 362 
VAL C   OXT  sing N N 363 
VAL CB  CG1  sing N N 364 
VAL CB  CG2  sing N N 365 
VAL CB  HB   sing N N 366 
VAL CG1 HG11 sing N N 367 
VAL CG1 HG12 sing N N 368 
VAL CG1 HG13 sing N N 369 
VAL CG2 HG21 sing N N 370 
VAL CG2 HG22 sing N N 371 
VAL CG2 HG23 sing N N 372 
VAL OXT HXT  sing N N 373 
# 
_em_ctf_correction.id                       1 
_em_ctf_correction.em_image_processing_id   1 
_em_ctf_correction.type                     NONE 
_em_ctf_correction.details                  ? 
# 
_em_entity_assembly_naturalsource.id                   2 
_em_entity_assembly_naturalsource.entity_assembly_id   1 
_em_entity_assembly_naturalsource.cell                 ? 
_em_entity_assembly_naturalsource.cellular_location    ? 
_em_entity_assembly_naturalsource.ncbi_tax_id          9606 
_em_entity_assembly_naturalsource.organ                ? 
_em_entity_assembly_naturalsource.organelle            ? 
_em_entity_assembly_naturalsource.organism             'Homo sapiens' 
_em_entity_assembly_naturalsource.strain               ? 
_em_entity_assembly_naturalsource.tissue               ? 
# 
_em_entity_assembly_recombinant.id                   2 
_em_entity_assembly_recombinant.entity_assembly_id   1 
_em_entity_assembly_recombinant.cell                 ? 
_em_entity_assembly_recombinant.ncbi_tax_id          562 
_em_entity_assembly_recombinant.organism             'Escherichia coli' 
_em_entity_assembly_recombinant.plasmid              ? 
_em_entity_assembly_recombinant.strain               ? 
# 
_em_helical_entity.id                             1 
_em_helical_entity.image_processing_id            1 
_em_helical_entity.angular_rotation_per_subunit   -7.53 
_em_helical_entity.axial_rise_per_subunit         4.80 
_em_helical_entity.axial_symmetry                 C1 
_em_helical_entity.details                        ? 
# 
_em_image_processing.id                   1 
_em_image_processing.image_recording_id   1 
_em_image_processing.details              ? 
# 
_em_image_recording.id                            1 
_em_image_recording.imaging_id                    1 
_em_image_recording.avg_electron_dose_per_image   55 
_em_image_recording.average_exposure_time         ? 
_em_image_recording.details                       ? 
_em_image_recording.detector_mode                 ? 
_em_image_recording.film_or_detector_model        'GATAN K3 BIOQUANTUM (6k x 4k)' 
_em_image_recording.num_diffraction_images        ? 
_em_image_recording.num_grids_imaged              ? 
_em_image_recording.num_real_images               ? 
# 
loop_
_em_software.id 
_em_software.category 
_em_software.details 
_em_software.name 
_em_software.version 
_em_software.image_processing_id 
_em_software.fitting_id 
_em_software.imaging_id 
1  'PARTICLE SELECTION'       ? ? ? 1 ? ? 
2  'IMAGE ACQUISITION'        ? ? ? ? ? 1 
3  MASKING                    ? ? ? ? ? ? 
4  'CTF CORRECTION'           ? ? ? 1 ? ? 
5  'LAYERLINE INDEXING'       ? ? ? ? ? ? 
6  'DIFFRACTION INDEXING'     ? ? ? ? ? ? 
7  'MODEL FITTING'            ? ? ? ? ? ? 
8  'MODEL REFINEMENT'         ? ? ? ? ? ? 
9  OTHER                      ? ? ? ? ? ? 
10 'INITIAL EULER ASSIGNMENT' ? ? ? 1 ? ? 
11 'FINAL EULER ASSIGNMENT'   ? ? ? 1 ? ? 
12 CLASSIFICATION             ? ? ? 1 ? ? 
13 RECONSTRUCTION             ? ? ? 1 ? ? 
# 
_em_specimen.id                      1 
_em_specimen.experiment_id           1 
_em_specimen.concentration           ? 
_em_specimen.details                 ? 
_em_specimen.embedding_applied       NO 
_em_specimen.shadowing_applied       NO 
_em_specimen.staining_applied        NO 
_em_specimen.vitrification_applied   YES 
# 
_atom_sites.entry_id                    7DA4 
_atom_sites.Cartn_transf_matrix[1][1]   ? 
_atom_sites.Cartn_transf_matrix[1][2]   ? 
_atom_sites.Cartn_transf_matrix[1][3]   ? 
_atom_sites.Cartn_transf_matrix[2][1]   ? 
_atom_sites.Cartn_transf_matrix[2][2]   ? 
_atom_sites.Cartn_transf_matrix[2][3]   ? 
_atom_sites.Cartn_transf_matrix[3][1]   ? 
_atom_sites.Cartn_transf_matrix[3][2]   ? 
_atom_sites.Cartn_transf_matrix[3][3]   ? 
_atom_sites.Cartn_transf_vector[1]      ? 
_atom_sites.Cartn_transf_vector[2]      ? 
_atom_sites.Cartn_transf_vector[3]      ? 
_atom_sites.fract_transf_matrix[1][1]   1.000000 
_atom_sites.fract_transf_matrix[1][2]   0.000000 
_atom_sites.fract_transf_matrix[1][3]   0.000000 
_atom_sites.fract_transf_matrix[2][1]   0.000000 
_atom_sites.fract_transf_matrix[2][2]   1.000000 
_atom_sites.fract_transf_matrix[2][3]   0.000000 
_atom_sites.fract_transf_matrix[3][1]   0.000000 
_atom_sites.fract_transf_matrix[3][2]   0.000000 
_atom_sites.fract_transf_matrix[3][3]   1.000000 
_atom_sites.fract_transf_vector[1]      0.00000 
_atom_sites.fract_transf_vector[2]      0.00000 
_atom_sites.fract_transf_vector[3]      0.00000 
_atom_sites.solution_primary            ? 
_atom_sites.solution_secondary          ? 
_atom_sites.solution_hydrogens          ? 
_atom_sites.special_details             ? 
# 
loop_
_atom_type.symbol 
C 
N 
O 
S 
# 
loop_
_atom_site.group_PDB 
_atom_site.id 
_atom_site.type_symbol 
_atom_site.label_atom_id 
_atom_site.label_alt_id 
_atom_site.label_comp_id 
_atom_site.label_asym_id 
_atom_site.label_entity_id 
_atom_site.label_seq_id 
_atom_site.pdbx_PDB_ins_code 
_atom_site.Cartn_x 
_atom_site.Cartn_y 
_atom_site.Cartn_z 
_atom_site.occupancy 
_atom_site.B_iso_or_equiv 
_atom_site.pdbx_formal_charge 
_atom_site.auth_seq_id 
_atom_site.auth_comp_id 
_atom_site.auth_asym_id 
_atom_site.auth_atom_id 
_atom_site.pdbx_PDB_model_num 
ATOM 1   N N   . PRO A 1 63 ? -9.095  -9.734  -3.143 1.00 124.50 ? 448 PRO B N   1 
ATOM 2   C CA  . PRO A 1 63 ? -8.865  -10.108 -1.746 1.00 124.50 ? 448 PRO B CA  1 
ATOM 3   C C   . PRO A 1 63 ? -7.386  -10.291 -1.422 1.00 124.50 ? 448 PRO B C   1 
ATOM 4   O O   . PRO A 1 63 ? -6.711  -9.318  -1.085 1.00 124.50 ? 448 PRO B O   1 
ATOM 5   C CB  . PRO A 1 63 ? -9.623  -11.431 -1.609 1.00 124.50 ? 448 PRO B CB  1 
ATOM 6   C CG  . PRO A 1 63 ? -9.731  -11.961 -2.991 1.00 124.50 ? 448 PRO B CG  1 
ATOM 7   C CD  . PRO A 1 63 ? -9.847  -10.765 -3.875 1.00 124.50 ? 448 PRO B CD  1 
ATOM 8   N N   . LEU A 1 64 ? -6.900  -11.527 -1.521 1.00 115.59 ? 449 LEU B N   1 
ATOM 9   C CA  . LEU A 1 64 ? -5.506  -11.823 -1.222 1.00 115.59 ? 449 LEU B CA  1 
ATOM 10  C C   . LEU A 1 64 ? -4.586  -10.940 -2.048 1.00 115.59 ? 449 LEU B C   1 
ATOM 11  O O   . LEU A 1 64 ? -4.945  -10.478 -3.134 1.00 115.59 ? 449 LEU B O   1 
ATOM 12  C CB  . LEU A 1 64 ? -5.192  -13.290 -1.508 1.00 115.59 ? 449 LEU B CB  1 
ATOM 13  C CG  . LEU A 1 64 ? -5.044  -13.665 -2.983 1.00 115.59 ? 449 LEU B CG  1 
ATOM 14  C CD1 . LEU A 1 64 ? -4.291  -14.972 -3.112 1.00 115.59 ? 449 LEU B CD1 1 
ATOM 15  C CD2 . LEU A 1 64 ? -6.399  -13.767 -3.660 1.00 115.59 ? 449 LEU B CD2 1 
ATOM 16  N N   . VAL A 1 65 ? -3.388  -10.694 -1.528 1.00 100.48 ? 450 VAL B N   1 
ATOM 17  C CA  . VAL A 1 65 ? -2.475  -9.813  -2.237 1.00 100.48 ? 450 VAL B CA  1 
ATOM 18  C C   . VAL A 1 65 ? -1.134  -10.496 -2.490 1.00 100.48 ? 450 VAL B C   1 
ATOM 19  O O   . VAL A 1 65 ? -0.713  -10.621 -3.645 1.00 100.48 ? 450 VAL B O   1 
ATOM 20  C CB  . VAL A 1 65 ? -2.332  -8.473  -1.492 1.00 100.48 ? 450 VAL B CB  1 
ATOM 21  C CG1 . VAL A 1 65 ? -3.701  -7.845  -1.318 1.00 100.48 ? 450 VAL B CG1 1 
ATOM 22  C CG2 . VAL A 1 65 ? -1.687  -8.634  -0.137 1.00 100.48 ? 450 VAL B CG2 1 
ATOM 23  N N   . ASN A 1 66 ? -0.479  -10.990 -1.438 1.00 102.63 ? 451 ASN B N   1 
ATOM 24  C CA  . ASN A 1 66 ? 0.856   -11.577 -1.537 1.00 102.63 ? 451 ASN B CA  1 
ATOM 25  C C   . ASN A 1 66 ? 1.848   -10.561 -2.113 1.00 102.63 ? 451 ASN B C   1 
ATOM 26  O O   . ASN A 1 66 ? 2.368   -10.702 -3.217 1.00 102.63 ? 451 ASN B O   1 
ATOM 27  C CB  . ASN A 1 66 ? 0.827   -12.866 -2.367 1.00 102.63 ? 451 ASN B CB  1 
ATOM 28  C CG  . ASN A 1 66 ? -0.215  -13.846 -1.873 1.00 102.63 ? 451 ASN B CG  1 
ATOM 29  O OD1 . ASN A 1 66 ? -1.372  -13.483 -1.662 1.00 102.63 ? 451 ASN B OD1 1 
ATOM 30  N ND2 . ASN A 1 66 ? 0.186   -15.097 -1.694 1.00 102.63 ? 451 ASN B ND2 1 
ATOM 31  N N   . ILE A 1 67 ? 2.080   -9.516  -1.326 1.00 89.42  ? 452 ILE B N   1 
ATOM 32  C CA  . ILE A 1 67 ? 2.872   -8.383  -1.791 1.00 89.42  ? 452 ILE B CA  1 
ATOM 33  C C   . ILE A 1 67 ? 4.356   -8.603  -1.534 1.00 89.42  ? 452 ILE B C   1 
ATOM 34  O O   . ILE A 1 67 ? 5.169   -8.597  -2.464 1.00 89.42  ? 452 ILE B O   1 
ATOM 35  C CB  . ILE A 1 67 ? 2.391   -7.093  -1.120 1.00 89.42  ? 452 ILE B CB  1 
ATOM 36  C CG1 . ILE A 1 67 ? 0.958   -6.800  -1.527 1.00 89.42  ? 452 ILE B CG1 1 
ATOM 37  C CG2 . ILE A 1 67 ? 3.269   -5.962  -1.514 1.00 89.42  ? 452 ILE B CG2 1 
ATOM 38  C CD1 . ILE A 1 67 ? 0.391   -5.582  -0.863 1.00 89.42  ? 452 ILE B CD1 1 
ATOM 39  N N   . TYR A 1 68 ? 4.716   -8.806  -0.270 1.00 99.22  ? 453 TYR B N   1 
ATOM 40  C CA  . TYR A 1 68 ? 6.103   -8.888  0.197  1.00 99.22  ? 453 TYR B CA  1 
ATOM 41  C C   . TYR A 1 68 ? 6.989   -7.833  -0.458 1.00 99.22  ? 453 TYR B C   1 
ATOM 42  O O   . TYR A 1 68 ? 8.107   -8.098  -0.902 1.00 99.22  ? 453 TYR B O   1 
ATOM 43  C CB  . TYR A 1 68 ? 6.685   -10.294 0.022  1.00 99.22  ? 453 TYR B CB  1 
ATOM 44  C CG  . TYR A 1 68 ? 6.478   -10.996 -1.305 1.00 99.22  ? 453 TYR B CG  1 
ATOM 45  C CD1 . TYR A 1 68 ? 5.255   -11.563 -1.645 1.00 99.22  ? 453 TYR B CD1 1 
ATOM 46  C CD2 . TYR A 1 68 ? 7.530   -11.147 -2.189 1.00 99.22  ? 453 TYR B CD2 1 
ATOM 47  C CE1 . TYR A 1 68 ? 5.082   -12.217 -2.849 1.00 99.22  ? 453 TYR B CE1 1 
ATOM 48  C CE2 . TYR A 1 68 ? 7.369   -11.807 -3.388 1.00 99.22  ? 453 TYR B CE2 1 
ATOM 49  C CZ  . TYR A 1 68 ? 6.145   -12.335 -3.719 1.00 99.22  ? 453 TYR B CZ  1 
ATOM 50  O OH  . TYR A 1 68 ? 5.995   -12.985 -4.922 1.00 99.22  ? 453 TYR B OH  1 
ATOM 51  N N   . ASN A 1 69 ? 6.484   -6.607  -0.478 1.00 69.58  ? 454 ASN B N   1 
ATOM 52  C CA  . ASN A 1 69 ? 7.248   -5.470  -0.965 1.00 69.58  ? 454 ASN B CA  1 
ATOM 53  C C   . ASN A 1 69 ? 8.209   -5.011  0.120  1.00 69.58  ? 454 ASN B C   1 
ATOM 54  O O   . ASN A 1 69 ? 8.464   -5.719  1.096  1.00 69.58  ? 454 ASN B O   1 
ATOM 55  C CB  . ASN A 1 69 ? 6.324   -4.341  -1.388 1.00 69.58  ? 454 ASN B CB  1 
ATOM 56  C CG  . ASN A 1 69 ? 5.712   -3.626  -0.217 1.00 69.58  ? 454 ASN B CG  1 
ATOM 57  O OD1 . ASN A 1 69 ? 4.821   -4.144  0.436  1.00 69.58  ? 454 ASN B OD1 1 
ATOM 58  N ND2 . ASN A 1 69 ? 6.175   -2.421  0.046  1.00 69.58  ? 454 ASN B ND2 1 
ATOM 59  N N   . CYS A 1 70 ? 8.790   -3.826  -0.061 1.00 66.02  ? 455 CYS B N   1 
ATOM 60  C CA  . CYS A 1 70 ? 9.694   -3.291  0.944  1.00 66.02  ? 455 CYS B CA  1 
ATOM 61  C C   . CYS A 1 70 ? 9.580   -1.777  1.102  1.00 66.02  ? 455 CYS B C   1 
ATOM 62  O O   . CYS A 1 70 ? 10.573  -1.122  1.435  1.00 66.02  ? 455 CYS B O   1 
ATOM 63  C CB  . CYS A 1 70 ? 11.143  -3.670  0.633  1.00 66.02  ? 455 CYS B CB  1 
ATOM 64  S SG  . CYS A 1 70 ? 11.448  -5.445  0.448  1.00 66.02  ? 455 CYS B SG  1 
ATOM 65  N N   . SER A 1 71 ? 8.406   -1.197  0.878  1.00 49.82  ? 456 SER B N   1 
ATOM 66  C CA  . SER A 1 71 ? 8.180   0.207   1.222  1.00 49.82  ? 456 SER B CA  1 
ATOM 67  C C   . SER A 1 71 ? 6.696   0.529   1.121  1.00 49.82  ? 456 SER B C   1 
ATOM 68  O O   . SER A 1 71 ? 5.868   -0.347  0.850  1.00 49.82  ? 456 SER B O   1 
ATOM 69  C CB  . SER A 1 71 ? 8.984   1.157   0.345  1.00 49.82  ? 456 SER B CB  1 
ATOM 70  O OG  . SER A 1 71 ? 8.801   2.480   0.809  1.00 49.82  ? 456 SER B OG  1 
ATOM 71  N N   . GLY A 1 72 ? 6.381   1.808   1.319  1.00 45.93  ? 457 GLY B N   1 
ATOM 72  C CA  . GLY A 1 72 ? 5.031   2.307   1.481  1.00 45.93  ? 457 GLY B CA  1 
ATOM 73  C C   . GLY A 1 72 ? 4.043   1.721   0.511  1.00 45.93  ? 457 GLY B C   1 
ATOM 74  O O   . GLY A 1 72 ? 4.334   1.615   -0.677 1.00 45.93  ? 457 GLY B O   1 
ATOM 75  N N   . VAL A 1 73 ? 2.887   1.303   1.003  1.00 42.05  ? 458 VAL B N   1 
ATOM 76  C CA  . VAL A 1 73 ? 1.940   0.614   0.146  1.00 42.05  ? 458 VAL B CA  1 
ATOM 77  C C   . VAL A 1 73 ? 0.542   0.626   0.733  1.00 42.05  ? 458 VAL B C   1 
ATOM 78  O O   . VAL A 1 73 ? 0.341   0.263   1.891  1.00 42.05  ? 458 VAL B O   1 
ATOM 79  C CB  . VAL A 1 73 ? 2.423   -0.818  -0.102 1.00 42.05  ? 458 VAL B CB  1 
ATOM 80  C CG1 . VAL A 1 73 ? 2.821   -1.437  1.169  1.00 42.05  ? 458 VAL B CG1 1 
ATOM 81  C CG2 . VAL A 1 73 ? 1.324   -1.628  -0.666 1.00 42.05  ? 458 VAL B CG2 1 
ATOM 82  N N   . GLN A 1 74 ? -0.434  1.010   -0.059 1.00 55.32  ? 459 GLN B N   1 
ATOM 83  C CA  . GLN A 1 74 ? -1.813  0.899   0.361  1.00 55.32  ? 459 GLN B CA  1 
ATOM 84  C C   . GLN A 1 74 ? -2.364  -0.429  -0.115 1.00 55.32  ? 459 GLN B C   1 
ATOM 85  O O   . GLN A 1 74 ? -1.650  -1.264  -0.659 1.00 55.32  ? 459 GLN B O   1 
ATOM 86  C CB  . GLN A 1 74 ? -2.635  2.049   -0.194 1.00 55.32  ? 459 GLN B CB  1 
ATOM 87  C CG  . GLN A 1 74 ? -2.372  3.358   0.464  1.00 55.32  ? 459 GLN B CG  1 
ATOM 88  C CD  . GLN A 1 74 ? -3.503  4.331   0.253  1.00 55.32  ? 459 GLN B CD  1 
ATOM 89  O OE1 . GLN A 1 74 ? -4.618  3.940   -0.089 1.00 55.32  ? 459 GLN B OE1 1 
ATOM 90  N NE2 . GLN A 1 74 ? -3.228  5.608   0.456  1.00 55.32  ? 459 GLN B NE2 1 
ATOM 91  N N   . VAL A 1 75 ? -3.654  -0.646  0.113  1.00 64.02  ? 460 VAL B N   1 
ATOM 92  C CA  . VAL A 1 75 ? -4.391  -1.647  -0.647 1.00 64.02  ? 460 VAL B CA  1 
ATOM 93  C C   . VAL A 1 75 ? -5.648  -1.087  -1.255 1.00 64.02  ? 460 VAL B C   1 
ATOM 94  O O   . VAL A 1 75 ? -6.125  -1.596  -2.283 1.00 64.02  ? 460 VAL B O   1 
ATOM 95  C CB  . VAL A 1 75 ? -4.709  -2.876  0.223  1.00 64.02  ? 460 VAL B CB  1 
ATOM 96  C CG1 . VAL A 1 75 ? -5.652  -3.814  -0.489 1.00 64.02  ? 460 VAL B CG1 1 
ATOM 97  C CG2 . VAL A 1 75 ? -3.432  -3.604  0.511  1.00 64.02  ? 460 VAL B CG2 1 
ATOM 98  N N   . GLY A 1 76 ? -6.176  -0.012  -0.717 1.00 84.12  ? 461 GLY B N   1 
ATOM 99  C CA  . GLY A 1 76 ? -6.987  0.843   -1.536 1.00 84.12  ? 461 GLY B CA  1 
ATOM 100 C C   . GLY A 1 76 ? -8.261  1.321   -0.904 1.00 84.12  ? 461 GLY B C   1 
ATOM 101 O O   . GLY A 1 76 ? -9.170  0.557   -0.574 1.00 84.12  ? 461 GLY B O   1 
ATOM 102 N N   . ASP A 1 77 ? -8.310  2.637   -0.775 1.00 109.04 ? 462 ASP B N   1 
ATOM 103 C CA  . ASP A 1 77 ? -9.457  3.393   -0.320 1.00 109.04 ? 462 ASP B CA  1 
ATOM 104 C C   . ASP A 1 77 ? -9.091  4.843   -0.543 1.00 109.04 ? 462 ASP B C   1 
ATOM 105 O O   . ASP A 1 77 ? -8.115  5.142   -1.236 1.00 109.04 ? 462 ASP B O   1 
ATOM 106 C CB  . ASP A 1 77 ? -9.786  3.112   1.142  1.00 109.04 ? 462 ASP B CB  1 
ATOM 107 C CG  . ASP A 1 77 ? -11.205 3.481   1.499  1.00 109.04 ? 462 ASP B CG  1 
ATOM 108 O OD1 . ASP A 1 77 ? -11.815 4.266   0.744  1.00 109.04 ? 462 ASP B OD1 1 
ATOM 109 O OD2 . ASP A 1 77 ? -11.704 2.997   2.533  1.00 109.04 ? 462 ASP B OD2 1 
ATOM 110 N N   . ASN A 1 78 ? -9.852  5.750   0.044  1.00 117.88 ? 463 ASN B N   1 
ATOM 111 C CA  . ASN A 1 78 ? -9.452  7.138   0.015  1.00 117.88 ? 463 ASN B CA  1 
ATOM 112 C C   . ASN A 1 78 ? -8.111  7.322   0.725  1.00 117.88 ? 463 ASN B C   1 
ATOM 113 O O   . ASN A 1 78 ? -7.496  6.385   1.241  1.00 117.88 ? 463 ASN B O   1 
ATOM 114 C CB  . ASN A 1 78 ? -10.525 8.009   0.658  1.00 117.88 ? 463 ASN B CB  1 
ATOM 115 C CG  . ASN A 1 78 ? -10.982 7.470   1.985  1.00 117.88 ? 463 ASN B CG  1 
ATOM 116 O OD1 . ASN A 1 78 ? -10.764 6.305   2.300  1.00 117.88 ? 463 ASN B OD1 1 
ATOM 117 N ND2 . ASN A 1 78 ? -11.617 8.317   2.776  1.00 117.88 ? 463 ASN B ND2 1 
ATOM 118 N N   . ASN A 1 79 ? -7.652  8.563   0.709  1.00 120.79 ? 464 ASN B N   1 
ATOM 119 C CA  . ASN A 1 79 ? -6.440  9.029   1.359  1.00 120.79 ? 464 ASN B CA  1 
ATOM 120 C C   . ASN A 1 79 ? -5.144  8.367   0.913  1.00 120.79 ? 464 ASN B C   1 
ATOM 121 O O   . ASN A 1 79 ? -4.675  7.383   1.491  1.00 120.79 ? 464 ASN B O   1 
ATOM 122 C CB  . ASN A 1 79 ? -6.658  8.974   2.828  1.00 120.79 ? 464 ASN B CB  1 
ATOM 123 C CG  . ASN A 1 79 ? -7.267  10.261  3.323  1.00 120.79 ? 464 ASN B CG  1 
ATOM 124 O OD1 . ASN A 1 79 ? -8.487  10.385  3.407  1.00 120.79 ? 464 ASN B OD1 1 
ATOM 125 N ND2 . ASN A 1 79 ? -6.424  11.235  3.633  1.00 120.79 ? 464 ASN B ND2 1 
ATOM 126 N N   . TYR A 1 80 ? -4.652  8.875   -0.206 1.00 113.84 ? 465 TYR B N   1 
ATOM 127 C CA  . TYR A 1 80 ? -3.373  8.633   -0.854 1.00 113.84 ? 465 TYR B CA  1 
ATOM 128 C C   . TYR A 1 80 ? -2.098  8.793   -0.032 1.00 113.84 ? 465 TYR B C   1 
ATOM 129 O O   . TYR A 1 80 ? -1.689  9.919   0.247  1.00 113.84 ? 465 TYR B O   1 
ATOM 130 C CB  . TYR A 1 80 ? -3.357  9.607   -2.017 1.00 113.84 ? 465 TYR B CB  1 
ATOM 131 C CG  . TYR A 1 80 ? -3.096  11.078  -1.747 1.00 113.84 ? 465 TYR B CG  1 
ATOM 132 C CD1 . TYR A 1 80 ? -4.115  11.912  -1.315 1.00 113.84 ? 465 TYR B CD1 1 
ATOM 133 C CD2 . TYR A 1 80 ? -1.853  11.648  -2.005 1.00 113.84 ? 465 TYR B CD2 1 
ATOM 134 C CE1 . TYR A 1 80 ? -3.893  13.258  -1.094 1.00 113.84 ? 465 TYR B CE1 1 
ATOM 135 C CE2 . TYR A 1 80 ? -1.625  12.991  -1.791 1.00 113.84 ? 465 TYR B CE2 1 
ATOM 136 C CZ  . TYR A 1 80 ? -2.647  13.790  -1.334 1.00 113.84 ? 465 TYR B CZ  1 
ATOM 137 O OH  . TYR A 1 80 ? -2.420  15.128  -1.120 1.00 113.84 ? 465 TYR B OH  1 
ATOM 138 N N   . LEU A 1 81 ? -1.399  7.701   0.283  1.00 92.70  ? 466 LEU B N   1 
ATOM 139 C CA  . LEU A 1 81 ? -0.377  7.775   1.323  1.00 92.70  ? 466 LEU B CA  1 
ATOM 140 C C   . LEU A 1 81 ? 0.766   8.685   0.891  1.00 92.70  ? 466 LEU B C   1 
ATOM 141 O O   . LEU A 1 81 ? 0.894   9.058   -0.277 1.00 92.70  ? 466 LEU B O   1 
ATOM 142 C CB  . LEU A 1 81 ? 0.166   6.388   1.677  1.00 92.70  ? 466 LEU B CB  1 
ATOM 143 C CG  . LEU A 1 81 ? 1.149   5.639   0.773  1.00 92.70  ? 466 LEU B CG  1 
ATOM 144 C CD1 . LEU A 1 81 ? 2.585   5.992   1.127  1.00 92.70  ? 466 LEU B CD1 1 
ATOM 145 C CD2 . LEU A 1 81 ? 0.960   4.136   0.855  1.00 92.70  ? 466 LEU B CD2 1 
ATOM 146 N N   . THR A 1 82 ? 1.599   9.055   1.860  1.00 103.04 ? 467 THR B N   1 
ATOM 147 C CA  . THR A 1 82 ? 2.815   9.802   1.588  1.00 103.04 ? 467 THR B CA  1 
ATOM 148 C C   . THR A 1 82 ? 4.003   9.095   2.212  1.00 103.04 ? 467 THR B C   1 
ATOM 149 O O   . THR A 1 82 ? 3.854   8.213   3.056  1.00 103.04 ? 467 THR B O   1 
ATOM 150 C CB  . THR A 1 82 ? 2.743   11.234  2.109  1.00 103.04 ? 467 THR B CB  1 
ATOM 151 O OG1 . THR A 1 82 ? 4.009   11.869  1.903  1.00 103.04 ? 467 THR B OG1 1 
ATOM 152 C CG2 . THR A 1 82 ? 2.407   11.244  3.560  1.00 103.04 ? 467 THR B CG2 1 
ATOM 153 N N   . MET A 1 83 ? 5.190   9.495   1.792  1.00 106.89 ? 468 MET B N   1 
ATOM 154 C CA  . MET A 1 83 ? 6.419   8.872   2.262  1.00 106.89 ? 468 MET B CA  1 
ATOM 155 C C   . MET A 1 83 ? 7.562   9.797   1.867  1.00 106.89 ? 468 MET B C   1 
ATOM 156 O O   . MET A 1 83 ? 7.335   10.921  1.403  1.00 106.89 ? 468 MET B O   1 
ATOM 157 C CB  . MET A 1 83 ? 6.583   7.469   1.676  1.00 106.89 ? 468 MET B CB  1 
ATOM 158 C CG  . MET A 1 83 ? 7.550   6.586   2.431  1.00 106.89 ? 468 MET B CG  1 
ATOM 159 S SD  . MET A 1 83 ? 7.871   5.024   1.609  1.00 106.89 ? 468 MET B SD  1 
ATOM 160 C CE  . MET A 1 83 ? 9.036   5.590   0.382  1.00 106.89 ? 468 MET B CE  1 
ATOM 161 N N   . GLN A 1 84 ? 8.791   9.332   2.047  1.00 127.49 ? 469 GLN B N   1 
ATOM 162 C CA  . GLN A 1 84 ? 9.963   10.077  1.621  1.00 127.49 ? 469 GLN B CA  1 
ATOM 163 C C   . GLN A 1 84 ? 11.171  9.157   1.454  1.00 127.49 ? 469 GLN B C   1 
ATOM 164 O O   . GLN A 1 84 ? 11.572  8.459   2.387  1.00 127.49 ? 469 GLN B O   1 
ATOM 165 C CB  . GLN A 1 84 ? 10.279  11.186  2.618  1.00 127.49 ? 469 GLN B CB  1 
ATOM 166 C CG  . GLN A 1 84 ? 11.723  11.629  2.585  1.00 127.49 ? 469 GLN B CG  1 
ATOM 167 C CD  . GLN A 1 84 ? 12.098  12.310  1.291  1.00 127.49 ? 469 GLN B CD  1 
ATOM 168 O OE1 . GLN A 1 84 ? 12.510  11.662  0.328  1.00 127.49 ? 469 GLN B OE1 1 
ATOM 169 N NE2 . GLN A 1 84 ? 11.968  13.631  1.264  1.00 127.49 ? 469 GLN B NE2 1 
ATOM 170 N N   . PRO B 1 63 ? -7.205  -10.052 -8.120 1.00 125.81 ? 448 PRO A N   1 
ATOM 171 C CA  . PRO B 1 63 ? -6.992  -10.403 -6.715 1.00 125.81 ? 448 PRO A CA  1 
ATOM 172 C C   . PRO B 1 63 ? -5.517  -10.413 -6.328 1.00 125.81 ? 448 PRO A C   1 
ATOM 173 O O   . PRO B 1 63 ? -4.976  -9.369  -5.964 1.00 125.81 ? 448 PRO A O   1 
ATOM 174 C CB  . PRO B 1 63 ? -7.595  -11.806 -6.610 1.00 125.81 ? 448 PRO A CB  1 
ATOM 175 C CG  . PRO B 1 63 ? -7.581  -12.339 -7.995 1.00 125.81 ? 448 PRO A CG  1 
ATOM 176 C CD  . PRO B 1 63 ? -7.800  -11.161 -8.883 1.00 125.81 ? 448 PRO A CD  1 
ATOM 177 N N   . LEU B 1 64 ? -4.886  -11.583 -6.406 1.00 114.87 ? 449 LEU A N   1 
ATOM 178 C CA  . LEU B 1 64 ? -3.481  -11.716 -6.048 1.00 114.87 ? 449 LEU A CA  1 
ATOM 179 C C   . LEU B 1 64 ? -2.636  -10.727 -6.835 1.00 114.87 ? 449 LEU A C   1 
ATOM 180 O O   . LEU B 1 64 ? -3.000  -10.305 -7.936 1.00 114.87 ? 449 LEU A O   1 
ATOM 181 C CB  . LEU B 1 64 ? -2.985  -13.134 -6.319 1.00 114.87 ? 449 LEU A CB  1 
ATOM 182 C CG  . LEU B 1 64 ? -2.732  -13.482 -7.786 1.00 114.87 ? 449 LEU A CG  1 
ATOM 183 C CD1 . LEU B 1 64 ? -1.827  -14.692 -7.883 1.00 114.87 ? 449 LEU A CD1 1 
ATOM 184 C CD2 . LEU B 1 64 ? -4.037  -13.740 -8.521 1.00 114.87 ? 449 LEU A CD2 1 
ATOM 185 N N   . VAL B 1 65 ? -1.498  -10.345 -6.265 1.00 102.49 ? 450 VAL A N   1 
ATOM 186 C CA  . VAL B 1 65 ? -0.665  -9.360  -6.935 1.00 102.49 ? 450 VAL A CA  1 
ATOM 187 C C   . VAL B 1 65 ? 0.756   -9.881  -7.132 1.00 102.49 ? 450 VAL A C   1 
ATOM 188 O O   . VAL B 1 65 ? 1.237   -9.951  -8.267 1.00 102.49 ? 450 VAL A O   1 
ATOM 189 C CB  . VAL B 1 65 ? -0.711  -8.015  -6.186 1.00 102.49 ? 450 VAL A CB  1 
ATOM 190 C CG1 . VAL B 1 65 ? -2.151  -7.554  -6.070 1.00 102.49 ? 450 VAL A CG1 1 
ATOM 191 C CG2 . VAL B 1 65 ? -0.110  -8.106  -4.804 1.00 102.49 ? 450 VAL A CG2 1 
ATOM 192 N N   . ASN B 1 66 ? 1.418   -10.299 -6.051 1.00 103.80 ? 451 ASN A N   1 
ATOM 193 C CA  . ASN B 1 66 ? 2.817   -10.726 -6.093 1.00 103.80 ? 451 ASN A CA  1 
ATOM 194 C C   . ASN B 1 66 ? 3.707   -9.599  -6.627 1.00 103.80 ? 451 ASN A C   1 
ATOM 195 O O   . ASN B 1 66 ? 4.286   -9.672  -7.708 1.00 103.80 ? 451 ASN A O   1 
ATOM 196 C CB  . ASN B 1 66 ? 2.973   -12.005 -6.922 1.00 103.80 ? 451 ASN A CB  1 
ATOM 197 C CG  . ASN B 1 66 ? 2.033   -13.102 -6.473 1.00 103.80 ? 451 ASN A CG  1 
ATOM 198 O OD1 . ASN B 1 66 ? 0.834   -12.879 -6.310 1.00 103.80 ? 451 ASN A OD1 1 
ATOM 199 N ND2 . ASN B 1 66 ? 2.570   -14.298 -6.276 1.00 103.80 ? 451 ASN A ND2 1 
ATOM 200 N N   . ILE B 1 67 ? 3.782   -8.536  -5.832 1.00 91.37  ? 452 ILE A N   1 
ATOM 201 C CA  . ILE B 1 67 ? 4.455   -7.316  -6.263 1.00 91.37  ? 452 ILE A CA  1 
ATOM 202 C C   . ILE B 1 67 ? 5.942   -7.363  -5.943 1.00 91.37  ? 452 ILE A C   1 
ATOM 203 O O   . ILE B 1 67 ? 6.787   -7.257  -6.838 1.00 91.37  ? 452 ILE A O   1 
ATOM 204 C CB  . ILE B 1 67 ? 3.797   -6.095  -5.614 1.00 91.37  ? 452 ILE A CB  1 
ATOM 205 C CG1 . ILE B 1 67 ? 2.358   -5.969  -6.082 1.00 91.37  ? 452 ILE A CG1 1 
ATOM 206 C CG2 . ILE B 1 67 ? 4.553   -4.868  -5.972 1.00 91.37  ? 452 ILE A CG2 1 
ATOM 207 C CD1 . ILE B 1 67 ? 1.625   -4.829  -5.443 1.00 91.37  ? 452 ILE A CD1 1 
ATOM 208 N N   . TYR B 1 68 ? 6.269   -7.527  -4.665 1.00 101.68 ? 453 TYR A N   1 
ATOM 209 C CA  . TYR B 1 68 ? 7.635   -7.449  -4.139 1.00 101.68 ? 453 TYR A CA  1 
ATOM 210 C C   . TYR B 1 68 ? 8.419   -6.294  -4.757 1.00 101.68 ? 453 TYR A C   1 
ATOM 211 O O   . TYR B 1 68 ? 9.577   -6.425  -5.153 1.00 101.68 ? 453 TYR A O   1 
ATOM 212 C CB  . TYR B 1 68 ? 8.385   -8.777  -4.289 1.00 101.68 ? 453 TYR A CB  1 
ATOM 213 C CG  . TYR B 1 68 ? 8.317   -9.492  -5.623 1.00 101.68 ? 453 TYR A CG  1 
ATOM 214 C CD1 . TYR B 1 68 ? 7.185   -10.196 -6.015 1.00 101.68 ? 453 TYR A CD1 1 
ATOM 215 C CD2 . TYR B 1 68 ? 9.416   -9.515  -6.460 1.00 101.68 ? 453 TYR A CD2 1 
ATOM 216 C CE1 . TYR B 1 68 ? 7.139   -10.861 -7.224 1.00 101.68 ? 453 TYR A CE1 1 
ATOM 217 C CE2 . TYR B 1 68 ? 9.384   -10.184 -7.666 1.00 101.68 ? 453 TYR A CE2 1 
ATOM 218 C CZ  . TYR B 1 68 ? 8.245   -10.850 -8.048 1.00 101.68 ? 453 TYR A CZ  1 
ATOM 219 O OH  . TYR B 1 68 ? 8.223   -11.508 -9.256 1.00 101.68 ? 453 TYR A OH  1 
ATOM 220 N N   . ASN B 1 69 ? 7.774   -5.137  -4.800 1.00 78.77  ? 454 ASN A N   1 
ATOM 221 C CA  . ASN B 1 69 ? 8.420   -3.915  -5.254 1.00 78.77  ? 454 ASN A CA  1 
ATOM 222 C C   . ASN B 1 69 ? 9.274   -3.352  -4.130 1.00 78.77  ? 454 ASN A C   1 
ATOM 223 O O   . ASN B 1 69 ? 9.569   -4.030  -3.143 1.00 78.77  ? 454 ASN A O   1 
ATOM 224 C CB  . ASN B 1 69 ? 7.389   -2.900  -5.717 1.00 78.77  ? 454 ASN A CB  1 
ATOM 225 C CG  . ASN B 1 69 ? 6.649   -2.267  -4.573 1.00 78.77  ? 454 ASN A CG  1 
ATOM 226 O OD1 . ASN B 1 69 ? 5.798   -2.888  -3.958 1.00 78.77  ? 454 ASN A OD1 1 
ATOM 227 N ND2 . ASN B 1 69 ? 6.956   -1.018  -4.292 1.00 78.77  ? 454 ASN A ND2 1 
ATOM 228 N N   . CYS B 1 70 ? 9.720   -2.106  -4.288 1.00 80.75  ? 455 CYS A N   1 
ATOM 229 C CA  . CYS B 1 70 ? 10.512  -1.474  -3.245 1.00 80.75  ? 455 CYS A CA  1 
ATOM 230 C C   . CYS B 1 70 ? 10.215  0.017   -3.093 1.00 80.75  ? 455 CYS A C   1 
ATOM 231 O O   . CYS B 1 70 ? 11.109  0.782   -2.719 1.00 80.75  ? 455 CYS A O   1 
ATOM 232 C CB  . CYS B 1 70 ? 12.007  -1.679  -3.493 1.00 80.75  ? 455 CYS A CB  1 
ATOM 233 S SG  . CYS B 1 70 ? 12.525  -3.405  -3.665 1.00 80.75  ? 455 CYS A SG  1 
ATOM 234 N N   . SER B 1 71 ? 8.992   0.455   -3.366 1.00 61.64  ? 456 SER A N   1 
ATOM 235 C CA  . SER B 1 71 ? 8.588   1.822   -3.033 1.00 61.64  ? 456 SER A CA  1 
ATOM 236 C C   . SER B 1 71 ? 7.083   1.969   -3.199 1.00 61.64  ? 456 SER A C   1 
ATOM 237 O O   . SER B 1 71 ? 6.374   1.003   -3.503 1.00 61.64  ? 456 SER A O   1 
ATOM 238 C CB  . SER B 1 71 ? 9.311   2.864   -3.876 1.00 61.64  ? 456 SER A CB  1 
ATOM 239 O OG  . SER B 1 71 ? 8.957   4.154   -3.421 1.00 61.64  ? 456 SER A OG  1 
ATOM 240 N N   . GLY B 1 72 ? 6.611   3.201   -3.014 1.00 61.82  ? 457 GLY A N   1 
ATOM 241 C CA  . GLY B 1 72 ? 5.207   3.538   -2.909 1.00 61.82  ? 457 GLY A CA  1 
ATOM 242 C C   . GLY B 1 72 ? 4.337   2.844   -3.920 1.00 61.82  ? 457 GLY A C   1 
ATOM 243 O O   . GLY B 1 72 ? 4.686   2.778   -5.095 1.00 61.82  ? 457 GLY A O   1 
ATOM 244 N N   . VAL B 1 73 ? 3.217   2.292   -3.479 1.00 54.49  ? 458 VAL A N   1 
ATOM 245 C CA  . VAL B 1 73 ? 2.394   1.501   -4.374 1.00 54.49  ? 458 VAL A CA  1 
ATOM 246 C C   . VAL B 1 73 ? 0.982   1.348   -3.847 1.00 54.49  ? 458 VAL A C   1 
ATOM 247 O O   . VAL B 1 73 ? 0.776   0.959   -2.699 1.00 54.49  ? 458 VAL A O   1 
ATOM 248 C CB  . VAL B 1 73 ? 3.052   0.137   -4.600 1.00 54.49  ? 458 VAL A CB  1 
ATOM 249 C CG1 . VAL B 1 73 ? 3.465   -0.438  -3.313 1.00 54.49  ? 458 VAL A CG1 1 
ATOM 250 C CG2 . VAL B 1 73 ? 2.079   -0.795  -5.210 1.00 54.49  ? 458 VAL A CG2 1 
ATOM 251 N N   . GLN B 1 74 ? 0.001   1.618   -4.680 1.00 69.64  ? 459 GLN A N   1 
ATOM 252 C CA  . GLN B 1 74 ? -1.371  1.345   -4.319 1.00 69.64  ? 459 GLN A CA  1 
ATOM 253 C C   . GLN B 1 74 ? -1.743  -0.037  -4.817 1.00 69.64  ? 459 GLN A C   1 
ATOM 254 O O   . GLN B 1 74 ? -0.914  -0.781  -5.329 1.00 69.64  ? 459 GLN A O   1 
ATOM 255 C CB  . GLN B 1 74 ? -2.298  2.393   -4.908 1.00 69.64  ? 459 GLN A CB  1 
ATOM 256 C CG  . GLN B 1 74 ? -2.219  3.722   -4.241 1.00 69.64  ? 459 GLN A CG  1 
ATOM 257 C CD  . GLN B 1 74 ? -3.446  4.556   -4.501 1.00 69.64  ? 459 GLN A CD  1 
ATOM 258 O OE1 . GLN B 1 74 ? -4.492  4.038   -4.889 1.00 69.64  ? 459 GLN A OE1 1 
ATOM 259 N NE2 . GLN B 1 74 ? -3.331  5.856   -4.287 1.00 69.64  ? 459 GLN A NE2 1 
ATOM 260 N N   . VAL B 1 75 ? -3.007  -0.404  -4.645 1.00 72.15  ? 460 VAL A N   1 
ATOM 261 C CA  . VAL B 1 75 ? -3.590  -1.482  -5.432 1.00 72.15  ? 460 VAL A CA  1 
ATOM 262 C C   . VAL B 1 75 ? -4.876  -1.069  -6.094 1.00 72.15  ? 460 VAL A C   1 
ATOM 263 O O   . VAL B 1 75 ? -5.246  -1.626  -7.142 1.00 72.15  ? 460 VAL A O   1 
ATOM 264 C CB  . VAL B 1 75 ? -3.798  -2.742  -4.577 1.00 72.15  ? 460 VAL A CB  1 
ATOM 265 C CG1 . VAL B 1 75 ? -4.594  -3.781  -5.328 1.00 72.15  ? 460 VAL A CG1 1 
ATOM 266 C CG2 . VAL B 1 75 ? -2.457  -3.318  -4.234 1.00 72.15  ? 460 VAL A CG2 1 
ATOM 267 N N   . GLY B 1 76 ? -5.549  -0.065  -5.581 1.00 87.74  ? 461 GLY A N   1 
ATOM 268 C CA  . GLY B 1 76 ? -6.419  0.692   -6.433 1.00 87.74  ? 461 GLY A CA  1 
ATOM 269 C C   . GLY B 1 76 ? -7.766  1.016   -5.855 1.00 87.74  ? 461 GLY A C   1 
ATOM 270 O O   . GLY B 1 76 ? -8.592  0.149   -5.565 1.00 87.74  ? 461 GLY A O   1 
ATOM 271 N N   . ASP B 1 77 ? -7.974  2.316   -5.730 1.00 116.15 ? 462 ASP A N   1 
ATOM 272 C CA  . ASP B 1 77 ? -9.219  2.930   -5.325 1.00 116.15 ? 462 ASP A CA  1 
ATOM 273 C C   . ASP B 1 77 ? -9.016  4.414   -5.534 1.00 116.15 ? 462 ASP A C   1 
ATOM 274 O O   . ASP B 1 77 ? -8.054  4.828   -6.185 1.00 116.15 ? 462 ASP A O   1 
ATOM 275 C CB  . ASP B 1 77 ? -9.575  2.607   -3.878 1.00 116.15 ? 462 ASP A CB  1 
ATOM 276 C CG  . ASP B 1 77 ? -11.040 2.807   -3.582 1.00 116.15 ? 462 ASP A CG  1 
ATOM 277 O OD1 . ASP B 1 77 ? -11.706 3.517   -4.363 1.00 116.15 ? 462 ASP A OD1 1 
ATOM 278 O OD2 . ASP B 1 77 ? -11.523 2.262   -2.570 1.00 116.15 ? 462 ASP A OD2 1 
ATOM 279 N N   . ASN B 1 78 ? -9.902  5.223   -4.980 1.00 125.34 ? 463 ASN A N   1 
ATOM 280 C CA  . ASN B 1 78 ? -9.668  6.649   -4.993 1.00 125.34 ? 463 ASN A CA  1 
ATOM 281 C C   . ASN B 1 78 ? -8.388  6.985   -4.227 1.00 125.34 ? 463 ASN A C   1 
ATOM 282 O O   . ASN B 1 78 ? -7.690  6.125   -3.685 1.00 125.34 ? 463 ASN A O   1 
ATOM 283 C CB  . ASN B 1 78 ? -10.861 7.386   -4.398 1.00 125.34 ? 463 ASN A CB  1 
ATOM 284 C CG  . ASN B 1 78 ? -11.306 6.791   -3.090 1.00 125.34 ? 463 ASN A CG  1 
ATOM 285 O OD1 . ASN B 1 78 ? -10.968 5.659   -2.765 1.00 125.34 ? 463 ASN A OD1 1 
ATOM 286 N ND2 . ASN B 1 78 ? -12.070 7.555   -2.327 1.00 125.34 ? 463 ASN A ND2 1 
ATOM 287 N N   . ASN B 1 79 ? -8.077  8.271   -4.223 1.00 127.56 ? 464 ASN A N   1 
ATOM 288 C CA  . ASN B 1 79 ? -6.956  8.873   -3.523 1.00 127.56 ? 464 ASN A CA  1 
ATOM 289 C C   . ASN B 1 79 ? -5.575  8.370   -3.913 1.00 127.56 ? 464 ASN A C   1 
ATOM 290 O O   . ASN B 1 79 ? -5.018  7.446   -3.316 1.00 127.56 ? 464 ASN A O   1 
ATOM 291 C CB  . ASN B 1 79 ? -7.228  8.787   -2.064 1.00 127.56 ? 464 ASN A CB  1 
ATOM 292 C CG  . ASN B 1 79 ? -8.003  9.991   -1.597 1.00 127.56 ? 464 ASN A CG  1 
ATOM 293 O OD1 . ASN B 1 79 ? -9.232  9.972   -1.565 1.00 127.56 ? 464 ASN A OD1 1 
ATOM 294 N ND2 . ASN B 1 79 ? -7.295  11.056  -1.252 1.00 127.56 ? 464 ASN A ND2 1 
ATOM 295 N N   . TYR B 1 80 ? -5.098  8.936   -5.011 1.00 125.29 ? 465 TYR A N   1 
ATOM 296 C CA  . TYR B 1 80 ? -3.773  8.848   -5.604 1.00 125.29 ? 465 TYR A CA  1 
ATOM 297 C C   . TYR B 1 80 ? -2.561  9.153   -4.729 1.00 125.29 ? 465 TYR A C   1 
ATOM 298 O O   . TYR B 1 80 ? -2.299  10.319  -4.433 1.00 125.29 ? 465 TYR A O   1 
ATOM 299 C CB  . TYR B 1 80 ? -3.823  9.824   -6.765 1.00 125.29 ? 465 TYR A CB  1 
ATOM 300 C CG  . TYR B 1 80 ? -3.747  11.312  -6.486 1.00 125.29 ? 465 TYR A CG  1 
ATOM 301 C CD1 . TYR B 1 80 ? -4.874  12.020  -6.098 1.00 125.29 ? 465 TYR A CD1 1 
ATOM 302 C CD2 . TYR B 1 80 ? -2.569  12.025  -6.691 1.00 125.29 ? 465 TYR A CD2 1 
ATOM 303 C CE1 . TYR B 1 80 ? -4.820  13.382  -5.868 1.00 125.29 ? 465 TYR A CE1 1 
ATOM 304 C CE2 . TYR B 1 80 ? -2.509  13.384  -6.468 1.00 125.29 ? 465 TYR A CE2 1 
ATOM 305 C CZ  . TYR B 1 80 ? -3.636  14.057  -6.057 1.00 125.29 ? 465 TYR A CZ  1 
ATOM 306 O OH  . TYR B 1 80 ? -3.577  15.411  -5.833 1.00 125.29 ? 465 TYR A OH  1 
ATOM 307 N N   . LEU B 1 81 ? -1.753  8.149   -4.384 1.00 103.61 ? 466 LEU A N   1 
ATOM 308 C CA  . LEU B 1 81 ? -0.792  8.338   -3.302 1.00 103.61 ? 466 LEU A CA  1 
ATOM 309 C C   . LEU B 1 81 ? 0.255   9.377   -3.684 1.00 103.61 ? 466 LEU A C   1 
ATOM 310 O O   . LEU B 1 81 ? 0.387   9.767   -4.847 1.00 103.61 ? 466 LEU A O   1 
ATOM 311 C CB  . LEU B 1 81 ? -0.106  7.022   -2.923 1.00 103.61 ? 466 LEU A CB  1 
ATOM 312 C CG  . LEU B 1 81 ? 0.995   6.397   -3.785 1.00 103.61 ? 466 LEU A CG  1 
ATOM 313 C CD1 . LEU B 1 81 ? 2.364   6.914   -3.371 1.00 103.61 ? 466 LEU A CD1 1 
ATOM 314 C CD2 . LEU B 1 81 ? 0.981   4.881   -3.709 1.00 103.61 ? 466 LEU A CD2 1 
ATOM 315 N N   . THR B 1 82 ? 0.996   9.837   -2.682 1.00 114.25 ? 467 THR A N   1 
ATOM 316 C CA  . THR B 1 82 ? 2.128   10.722  -2.902 1.00 114.25 ? 467 THR A CA  1 
ATOM 317 C C   . THR B 1 82 ? 3.362   10.156  -2.228 1.00 114.25 ? 467 THR A C   1 
ATOM 318 O O   . THR B 1 82 ? 3.282   9.259   -1.390 1.00 114.25 ? 467 THR A O   1 
ATOM 319 C CB  . THR B 1 82 ? 1.865   12.133  -2.385 1.00 114.25 ? 467 THR A CB  1 
ATOM 320 O OG1 . THR B 1 82 ? 3.056   12.913  -2.539 1.00 114.25 ? 467 THR A OG1 1 
ATOM 321 C CG2 . THR B 1 82 ? 1.471   12.098  -0.950 1.00 114.25 ? 467 THR A CG2 1 
ATOM 322 N N   . MET B 1 83 ? 4.511   10.695  -2.597 1.00 120.60 ? 468 MET A N   1 
ATOM 323 C CA  . MET B 1 83 ? 5.783   10.217  -2.075 1.00 120.60 ? 468 MET A CA  1 
ATOM 324 C C   . MET B 1 83 ? 6.826   11.272  -2.422 1.00 120.60 ? 468 MET A C   1 
ATOM 325 O O   . MET B 1 83 ? 6.488   12.363  -2.896 1.00 120.60 ? 468 MET A O   1 
ATOM 326 C CB  . MET B 1 83 ? 6.134   8.846   -2.653 1.00 120.60 ? 468 MET A CB  1 
ATOM 327 C CG  . MET B 1 83 ? 7.167   8.078   -1.857 1.00 120.60 ? 468 MET A CG  1 
ATOM 328 S SD  . MET B 1 83 ? 7.702   6.569   -2.664 1.00 120.60 ? 468 MET A SD  1 
ATOM 329 C CE  . MET B 1 83 ? 8.843   7.272   -3.840 1.00 120.60 ? 468 MET A CE  1 
ATOM 330 N N   . GLN B 1 84 ? 8.092   10.951  -2.190 1.00 130.99 ? 469 GLN A N   1 
ATOM 331 C CA  . GLN B 1 84 ? 9.186   11.832  -2.566 1.00 130.99 ? 469 GLN A CA  1 
ATOM 332 C C   . GLN B 1 84 ? 10.500  11.059  -2.680 1.00 130.99 ? 469 GLN A C   1 
ATOM 333 O O   . GLN B 1 84 ? 10.939  10.409  -1.731 1.00 130.99 ? 469 GLN A O   1 
ATOM 334 C CB  . GLN B 1 84 ? 9.328   12.965  -1.557 1.00 130.99 ? 469 GLN A CB  1 
ATOM 335 C CG  . GLN B 1 84 ? 10.710  13.574  -1.529 1.00 130.99 ? 469 GLN A CG  1 
ATOM 336 C CD  . GLN B 1 84 ? 11.057  14.300  -2.806 1.00 130.99 ? 469 GLN A CD  1 
ATOM 337 O OE1 . GLN B 1 84 ? 11.583  13.709  -3.750 1.00 130.99 ? 469 GLN A OE1 1 
ATOM 338 N NE2 . GLN B 1 84 ? 10.775  15.596  -2.839 1.00 130.99 ? 469 GLN A NE2 1 
ATOM 339 N N   . PRO C 1 63 ? -11.115 -9.026  1.792  1.00 139.34 ? 448 PRO C N   1 
ATOM 340 C CA  . PRO C 1 63 ? -10.901 -9.417  3.188  1.00 139.34 ? 448 PRO C CA  1 
ATOM 341 C C   . PRO C 1 63 ? -9.449  -9.780  3.480  1.00 139.34 ? 448 PRO C C   1 
ATOM 342 O O   . PRO C 1 63 ? -8.652  -8.895  3.793  1.00 139.34 ? 448 PRO C O   1 
ATOM 343 C CB  . PRO C 1 63 ? -11.813 -10.636 3.353  1.00 139.34 ? 448 PRO C CB  1 
ATOM 344 C CG  . PRO C 1 63 ? -12.018 -11.157 1.978  1.00 139.34 ? 448 PRO C CG  1 
ATOM 345 C CD  . PRO C 1 63 ? -12.006 -9.961  1.088  1.00 139.34 ? 448 PRO C CD  1 
ATOM 346 N N   . LEU C 1 64 ? -9.122  -11.068 3.382  1.00 124.51 ? 449 LEU C N   1 
ATOM 347 C CA  . LEU C 1 64 ? -7.769  -11.532 3.652  1.00 124.51 ? 449 LEU C CA  1 
ATOM 348 C C   . LEU C 1 64 ? -6.766  -10.774 2.797  1.00 124.51 ? 449 LEU C C   1 
ATOM 349 O O   . LEU C 1 64 ? -7.090  -10.278 1.716  1.00 124.51 ? 449 LEU C O   1 
ATOM 350 C CB  . LEU C 1 64 ? -7.644  -13.027 3.372  1.00 124.51 ? 449 LEU C CB  1 
ATOM 351 C CG  . LEU C 1 64 ? -7.578  -13.427 1.898  1.00 124.51 ? 449 LEU C CG  1 
ATOM 352 C CD1 . LEU C 1 64 ? -6.996  -14.817 1.763  1.00 124.51 ? 449 LEU C CD1 1 
ATOM 353 C CD2 . LEU C 1 64 ? -8.951  -13.365 1.252  1.00 124.51 ? 449 LEU C CD2 1 
ATOM 354 N N   . VAL C 1 65 ? -5.535  -10.675 3.289  1.00 110.90 ? 450 VAL C N   1 
ATOM 355 C CA  . VAL C 1 65 ? -4.537  -9.918  2.550  1.00 110.90 ? 450 VAL C CA  1 
ATOM 356 C C   . VAL C 1 65 ? -3.296  -10.763 2.273  1.00 110.90 ? 450 VAL C C   1 
ATOM 357 O O   . VAL C 1 65 ? -2.921  -10.946 1.112  1.00 110.90 ? 450 VAL C O   1 
ATOM 358 C CB  . VAL C 1 65 ? -4.211  -8.602  3.280  1.00 110.90 ? 450 VAL C CB  1 
ATOM 359 C CG1 . VAL C 1 65 ? -5.489  -7.808  3.480  1.00 110.90 ? 450 VAL C CG1 1 
ATOM 360 C CG2 . VAL C 1 65 ? -3.560  -8.832  4.622  1.00 110.90 ? 450 VAL C CG2 1 
ATOM 361 N N   . ASN C 1 66 ? -2.683  -11.328 3.316  1.00 111.76 ? 451 ASN C N   1 
ATOM 362 C CA  . ASN C 1 66 ? -1.433  -12.076 3.192  1.00 111.76 ? 451 ASN C CA  1 
ATOM 363 C C   . ASN C 1 66 ? -0.337  -11.195 2.584  1.00 111.76 ? 451 ASN C C   1 
ATOM 364 O O   . ASN C 1 66 ? 0.136   -11.405 1.471  1.00 111.76 ? 451 ASN C O   1 
ATOM 365 C CB  . ASN C 1 66 ? -1.641  -13.356 2.375  1.00 111.76 ? 451 ASN C CB  1 
ATOM 366 C CG  . ASN C 1 66 ? -2.785  -14.197 2.901  1.00 111.76 ? 451 ASN C CG  1 
ATOM 367 O OD1 . ASN C 1 66 ? -3.883  -13.692 3.135  1.00 111.76 ? 451 ASN C OD1 1 
ATOM 368 N ND2 . ASN C 1 66 ? -2.537  -15.487 3.082  1.00 111.76 ? 451 ASN C ND2 1 
ATOM 369 N N   . ILE C 1 67 ? 0.041   -10.181 3.358  1.00 101.01 ? 452 ILE C N   1 
ATOM 370 C CA  . ILE C 1 67 ? 0.955   -9.157  2.865  1.00 101.01 ? 452 ILE C CA  1 
ATOM 371 C C   . ILE C 1 67 ? 2.406   -9.558  3.090  1.00 101.01 ? 452 ILE C C   1 
ATOM 372 O O   . ILE C 1 67 ? 3.192   -9.658  2.143  1.00 101.01 ? 452 ILE C O   1 
ATOM 373 C CB  . ILE C 1 67 ? 0.653   -7.813  3.535  1.00 101.01 ? 452 ILE C CB  1 
ATOM 374 C CG1 . ILE C 1 67 ? -0.743  -7.349  3.158  1.00 101.01 ? 452 ILE C CG1 1 
ATOM 375 C CG2 . ILE C 1 67 ? 1.654   -6.804  3.111  1.00 101.01 ? 452 ILE C CG2 1 
ATOM 376 C CD1 . ILE C 1 67 ? -1.139  -6.066  3.823  1.00 101.01 ? 452 ILE C CD1 1 
ATOM 377 N N   . TYR C 1 68 ? 2.768   -9.796  4.348  1.00 109.97 ? 453 TYR C N   1 
ATOM 378 C CA  . TYR C 1 68 ? 4.145   -10.046 4.784  1.00 109.97 ? 453 TYR C CA  1 
ATOM 379 C C   . TYR C 1 68 ? 5.139   -9.113  4.101  1.00 109.97 ? 453 TYR C C   1 
ATOM 380 O O   . TYR C 1 68 ? 6.204   -9.517  3.634  1.00 109.97 ? 453 TYR C O   1 
ATOM 381 C CB  . TYR C 1 68 ? 4.544   -11.515 4.609  1.00 109.97 ? 453 TYR C CB  1 
ATOM 382 C CG  . TYR C 1 68 ? 4.221   -12.193 3.294  1.00 109.97 ? 453 TYR C CG  1 
ATOM 383 C CD1 . TYR C 1 68 ? 2.930   -12.607 2.986  1.00 109.97 ? 453 TYR C CD1 1 
ATOM 384 C CD2 . TYR C 1 68 ? 5.226   -12.479 2.388  1.00 109.97 ? 453 TYR C CD2 1 
ATOM 385 C CE1 . TYR C 1 68 ? 2.649   -13.242 1.792  1.00 109.97 ? 453 TYR C CE1 1 
ATOM 386 C CE2 . TYR C 1 68 ? 4.956   -13.121 1.198  1.00 109.97 ? 453 TYR C CE2 1 
ATOM 387 C CZ  . TYR C 1 68 ? 3.669   -13.495 0.899  1.00 109.97 ? 453 TYR C CZ  1 
ATOM 388 O OH  . TYR C 1 68 ? 3.412   -14.129 -0.294 1.00 109.97 ? 453 TYR C OH  1 
ATOM 389 N N   . ASN C 1 69 ? 4.788   -7.834  4.081  1.00 81.02  ? 454 ASN C N   1 
ATOM 390 C CA  . ASN C 1 69 ? 5.676   -6.803  3.567  1.00 81.02  ? 454 ASN C CA  1 
ATOM 391 C C   . ASN C 1 69 ? 6.710   -6.460  4.626  1.00 81.02  ? 454 ASN C C   1 
ATOM 392 O O   . ASN C 1 69 ? 6.899   -7.188  5.603  1.00 81.02  ? 454 ASN C O   1 
ATOM 393 C CB  . ASN C 1 69 ? 4.888   -5.571  3.154  1.00 81.02  ? 454 ASN C CB  1 
ATOM 394 C CG  . ASN C 1 69 ? 4.397   -4.779  4.332  1.00 81.02  ? 454 ASN C CG  1 
ATOM 395 O OD1 . ASN C 1 69 ? 3.464   -5.179  5.010  1.00 81.02  ? 454 ASN C OD1 1 
ATOM 396 N ND2 . ASN C 1 69 ? 5.010   -3.640  4.574  1.00 81.02  ? 454 ASN C ND2 1 
ATOM 397 N N   . CYS C 1 70 ? 7.429   -5.357  4.421  1.00 80.97  ? 455 CYS C N   1 
ATOM 398 C CA  . CYS C 1 70 ? 8.416   -4.933  5.402  1.00 80.97  ? 455 CYS C CA  1 
ATOM 399 C C   . CYS C 1 70 ? 8.494   -3.415  5.548  1.00 80.97  ? 455 CYS C C   1 
ATOM 400 O O   . CYS C 1 70 ? 9.567   -2.885  5.853  1.00 80.97  ? 455 CYS C O   1 
ATOM 401 C CB  . CYS C 1 70 ? 9.800   -5.489  5.062  1.00 80.97  ? 455 CYS C CB  1 
ATOM 402 S SG  . CYS C 1 70 ? 9.878   -7.289  4.885  1.00 80.97  ? 455 CYS C SG  1 
ATOM 403 N N   . SER C 1 71 ? 7.394   -2.695  5.346  1.00 66.20  ? 456 SER C N   1 
ATOM 404 C CA  . SER C 1 71 ? 7.352   -1.272  5.682  1.00 66.20  ? 456 SER C CA  1 
ATOM 405 C C   . SER C 1 71 ? 5.918   -0.770  5.610  1.00 66.20  ? 456 SER C C   1 
ATOM 406 O O   . SER C 1 71 ? 4.981   -1.538  5.367  1.00 66.20  ? 456 SER C O   1 
ATOM 407 C CB  . SER C 1 71 ? 8.247   -0.434  4.779  1.00 66.20  ? 456 SER C CB  1 
ATOM 408 O OG  . SER C 1 71 ? 8.240   0.904   5.235  1.00 66.20  ? 456 SER C OG  1 
ATOM 409 N N   . GLY C 1 72 ? 5.767   0.540   5.805  1.00 56.92  ? 457 GLY C N   1 
ATOM 410 C CA  . GLY C 1 72 ? 4.494   1.203   5.993  1.00 56.92  ? 457 GLY C CA  1 
ATOM 411 C C   . GLY C 1 72 ? 3.418   0.737   5.050  1.00 56.92  ? 457 GLY C C   1 
ATOM 412 O O   . GLY C 1 72 ? 3.665   0.589   3.857  1.00 56.92  ? 457 GLY C O   1 
ATOM 413 N N   . VAL C 1 73 ? 2.231   0.469   5.570  1.00 53.31  ? 458 VAL C N   1 
ATOM 414 C CA  . VAL C 1 73 ? 1.186   -0.103  4.742  1.00 53.31  ? 458 VAL C CA  1 
ATOM 415 C C   . VAL C 1 73 ? -0.185  0.087   5.360  1.00 53.31  ? 458 VAL C C   1 
ATOM 416 O O   . VAL C 1 73 ? -0.402  -0.243  6.524  1.00 53.31  ? 458 VAL C O   1 
ATOM 417 C CB  . VAL C 1 73 ? 1.484   -1.586  4.495  1.00 53.31  ? 458 VAL C CB  1 
ATOM 418 C CG1 . VAL C 1 73 ? 1.831   -2.241  5.764  1.00 53.31  ? 458 VAL C CG1 1 
ATOM 419 C CG2 . VAL C 1 73 ? 0.279   -2.257  3.963  1.00 53.31  ? 458 VAL C CG2 1 
ATOM 420 N N   . GLN C 1 74 ? -1.125  0.583   4.587  1.00 66.57  ? 459 GLN C N   1 
ATOM 421 C CA  . GLN C 1 74 ? -2.496  0.646   5.038  1.00 66.57  ? 459 GLN C CA  1 
ATOM 422 C C   . GLN C 1 74 ? -3.218  -0.607  4.586  1.00 66.57  ? 459 GLN C C   1 
ATOM 423 O O   . GLN C 1 74 ? -2.626  -1.528  4.035  1.00 66.57  ? 459 GLN C O   1 
ATOM 424 C CB  . GLN C 1 74 ? -3.182  1.885   4.492  1.00 66.57  ? 459 GLN C CB  1 
ATOM 425 C CG  . GLN C 1 74 ? -2.745  3.156   5.132  1.00 66.57  ? 459 GLN C CG  1 
ATOM 426 C CD  . GLN C 1 74 ? -3.752  4.259   4.937  1.00 66.57  ? 459 GLN C CD  1 
ATOM 427 O OE1 . GLN C 1 74 ? -4.914  4.007   4.624  1.00 66.57  ? 459 GLN C OE1 1 
ATOM 428 N NE2 . GLN C 1 74 ? -3.316  5.494   5.123  1.00 66.57  ? 459 GLN C NE2 1 
ATOM 429 N N   . VAL C 1 75 ? -4.520  -0.661  4.845  1.00 76.88  ? 460 VAL C N   1 
ATOM 430 C CA  . VAL C 1 75 ? -5.392  -1.569  4.112  1.00 76.88  ? 460 VAL C CA  1 
ATOM 431 C C   . VAL C 1 75 ? -6.584  -0.861  3.526  1.00 76.88  ? 460 VAL C C   1 
ATOM 432 O O   . VAL C 1 75 ? -7.144  -1.313  2.513  1.00 76.88  ? 460 VAL C O   1 
ATOM 433 C CB  . VAL C 1 75 ? -5.839  -2.743  4.998  1.00 76.88  ? 460 VAL C CB  1 
ATOM 434 C CG1 . VAL C 1 75 ? -6.907  -3.561  4.316  1.00 76.88  ? 460 VAL C CG1 1 
ATOM 435 C CG2 . VAL C 1 75 ? -4.655  -3.622  5.265  1.00 76.88  ? 460 VAL C CG2 1 
ATOM 436 N N   . GLY C 1 76 ? -6.963  0.274   4.066  1.00 99.40  ? 461 GLY C N   1 
ATOM 437 C CA  . GLY C 1 76 ? -7.681  1.219   3.258  1.00 99.40  ? 461 GLY C CA  1 
ATOM 438 C C   . GLY C 1 76 ? -8.870  1.854   3.915  1.00 99.40  ? 461 GLY C C   1 
ATOM 439 O O   . GLY C 1 76 ? -9.859  1.210   4.271  1.00 99.40  ? 461 GLY C O   1 
ATOM 440 N N   . ASP C 1 77 ? -8.754  3.166   4.032  1.00 116.50 ? 462 ASP C N   1 
ATOM 441 C CA  . ASP C 1 77 ? -9.787  4.061   4.506  1.00 116.50 ? 462 ASP C CA  1 
ATOM 442 C C   . ASP C 1 77 ? -9.250  5.454   4.262  1.00 116.50 ? 462 ASP C C   1 
ATOM 443 O O   . ASP C 1 77 ? -8.262  5.626   3.544  1.00 116.50 ? 462 ASP C O   1 
ATOM 444 C CB  . ASP C 1 77 ? -10.114 3.832   5.978  1.00 116.50 ? 462 ASP C CB  1 
ATOM 445 C CG  . ASP C 1 77 ? -11.467 4.377   6.363  1.00 116.50 ? 462 ASP C CG  1 
ATOM 446 O OD1 . ASP C 1 77 ? -11.994 5.226   5.614  1.00 116.50 ? 462 ASP C OD1 1 
ATOM 447 O OD2 . ASP C 1 77 ? -11.999 3.964   7.412  1.00 116.50 ? 462 ASP C OD2 1 
ATOM 448 N N   . ASN C 1 78 ? -9.879  6.452   4.858  1.00 124.81 ? 463 ASN C N   1 
ATOM 449 C CA  . ASN C 1 78 ? -9.312  7.780   4.806  1.00 124.81 ? 463 ASN C CA  1 
ATOM 450 C C   . ASN C 1 78 ? -7.942  7.799   5.486  1.00 124.81 ? 463 ASN C C   1 
ATOM 451 O O   . ASN C 1 78 ? -7.437  6.798   5.995  1.00 124.81 ? 463 ASN C O   1 
ATOM 452 C CB  . ASN C 1 78 ? -10.254 8.780   5.466  1.00 124.81 ? 463 ASN C CB  1 
ATOM 453 C CG  . ASN C 1 78 ? -10.742 8.310   6.809  1.00 124.81 ? 463 ASN C CG  1 
ATOM 454 O OD1 . ASN C 1 78 ? -10.664 7.129   7.128  1.00 124.81 ? 463 ASN C OD1 1 
ATOM 455 N ND2 . ASN C 1 78 ? -11.250 9.234   7.606  1.00 124.81 ? 463 ASN C ND2 1 
ATOM 456 N N   . ASN C 1 79 ? -7.335  8.975   5.448  1.00 128.88 ? 464 ASN C N   1 
ATOM 457 C CA  . ASN C 1 79 ? -6.059  9.291   6.067  1.00 128.88 ? 464 ASN C CA  1 
ATOM 458 C C   . ASN C 1 79 ? -4.866  8.472   5.598  1.00 128.88 ? 464 ASN C C   1 
ATOM 459 O O   . ASN C 1 79 ? -4.508  7.441   6.173  1.00 128.88 ? 464 ASN C O   1 
ATOM 460 C CB  . ASN C 1 79 ? -6.247  9.272   7.541  1.00 128.88 ? 464 ASN C CB  1 
ATOM 461 C CG  . ASN C 1 79 ? -6.682  10.628  8.037  1.00 128.88 ? 464 ASN C CG  1 
ATOM 462 O OD1 . ASN C 1 79 ? -7.875  10.902  8.147  1.00 128.88 ? 464 ASN C OD1 1 
ATOM 463 N ND2 . ASN C 1 79 ? -5.718  11.492  8.320  1.00 128.88 ? 464 ASN C ND2 1 
ATOM 464 N N   . TYR C 1 80 ? -4.341  8.908   4.464  1.00 116.03 ? 465 TYR C N   1 
ATOM 465 C CA  . TYR C 1 80 ? -3.116  8.505   3.789  1.00 116.03 ? 465 TYR C CA  1 
ATOM 466 C C   . TYR C 1 80 ? -1.813  8.512   4.581  1.00 116.03 ? 465 TYR C C   1 
ATOM 467 O O   . TYR C 1 80 ? -1.261  9.580   4.842  1.00 116.03 ? 465 TYR C O   1 
ATOM 468 C CB  . TYR C 1 80 ? -3.008  9.464   2.618  1.00 116.03 ? 465 TYR C CB  1 
ATOM 469 C CG  . TYR C 1 80 ? -2.561  10.892  2.869  1.00 116.03 ? 465 TYR C CG  1 
ATOM 470 C CD1 . TYR C 1 80 ? -3.458  11.848  3.316  1.00 116.03 ? 465 TYR C CD1 1 
ATOM 471 C CD2 . TYR C 1 80 ? -1.263  11.303  2.578  1.00 116.03 ? 465 TYR C CD2 1 
ATOM 472 C CE1 . TYR C 1 80 ? -3.067  13.158  3.521  1.00 116.03 ? 465 TYR C CE1 1 
ATOM 473 C CE2 . TYR C 1 80 ? -0.866  12.608  2.775  1.00 116.03 ? 465 TYR C CE2 1 
ATOM 474 C CZ  . TYR C 1 80 ? -1.771  13.530  3.247  1.00 116.03 ? 465 TYR C CZ  1 
ATOM 475 O OH  . TYR C 1 80 ? -1.375  14.831  3.445  1.00 116.03 ? 465 TYR C OH  1 
ATOM 476 N N   . LEU C 1 81 ? -1.247  7.344   4.890  1.00 95.18  ? 466 LEU C N   1 
ATOM 477 C CA  . LEU C 1 81 ? -0.199  7.297   5.907  1.00 95.18  ? 466 LEU C CA  1 
ATOM 478 C C   . LEU C 1 81 ? 1.037   8.057   5.441  1.00 95.18  ? 466 LEU C C   1 
ATOM 479 O O   . LEU C 1 81 ? 1.182   8.404   4.267  1.00 95.18  ? 466 LEU C O   1 
ATOM 480 C CB  . LEU C 1 81 ? 0.175   5.856   6.261  1.00 95.18  ? 466 LEU C CB  1 
ATOM 481 C CG  . LEU C 1 81 ? 1.037   4.986   5.341  1.00 95.18  ? 466 LEU C CG  1 
ATOM 482 C CD1 . LEU C 1 81 ? 2.514   5.160   5.660  1.00 95.18  ? 466 LEU C CD1 1 
ATOM 483 C CD2 . LEU C 1 81 ? 0.667   3.517   5.442  1.00 95.18  ? 466 LEU C CD2 1 
ATOM 484 N N   . THR C 1 82 ? 1.930   8.327   6.387  1.00 109.38 ? 467 THR C N   1 
ATOM 485 C CA  . THR C 1 82 ? 3.224   8.915   6.081  1.00 109.38 ? 467 THR C CA  1 
ATOM 486 C C   . THR C 1 82 ? 4.329   8.070   6.686  1.00 109.38 ? 467 THR C C   1 
ATOM 487 O O   . THR C 1 82 ? 4.092   7.218   7.540  1.00 109.38 ? 467 THR C O   1 
ATOM 488 C CB  . THR C 1 82 ? 3.340   10.348  6.593  1.00 109.38 ? 467 THR C CB  1 
ATOM 489 O OG1 . THR C 1 82 ? 4.670   10.820  6.351  1.00 109.38 ? 467 THR C OG1 1 
ATOM 490 C CG2 . THR C 1 82 ? 3.043   10.409  8.050  1.00 109.38 ? 467 THR C CG2 1 
ATOM 491 N N   . MET C 1 83 ? 5.546   8.318   6.236  1.00 113.94 ? 468 MET C N   1 
ATOM 492 C CA  . MET C 1 83 ? 6.700   7.550   6.684  1.00 113.94 ? 468 MET C CA  1 
ATOM 493 C C   . MET C 1 83 ? 7.939   8.325   6.255  1.00 113.94 ? 468 MET C C   1 
ATOM 494 O O   . MET C 1 83 ? 7.842   9.466   5.787  1.00 113.94 ? 468 MET C O   1 
ATOM 495 C CB  . MET C 1 83 ? 6.674   6.135   6.107  1.00 113.94 ? 468 MET C CB  1 
ATOM 496 C CG  . MET C 1 83 ? 7.543   5.143   6.848  1.00 113.94 ? 468 MET C CG  1 
ATOM 497 S SD  . MET C 1 83 ? 7.650   3.549   6.033  1.00 113.94 ? 468 MET C SD  1 
ATOM 498 C CE  . MET C 1 83 ? 8.846   3.958   4.775  1.00 113.94 ? 468 MET C CE  1 
ATOM 499 N N   . GLN C 1 84 ? 9.104   7.712   6.412  1.00 134.13 ? 469 GLN C N   1 
ATOM 500 C CA  . GLN C 1 84 ? 10.350  8.305   5.953  1.00 134.13 ? 469 GLN C CA  1 
ATOM 501 C C   . GLN C 1 84 ? 11.431  7.240   5.768  1.00 134.13 ? 469 GLN C C   1 
ATOM 502 O O   . GLN C 1 84 ? 11.764  6.504   6.698  1.00 134.13 ? 469 GLN C O   1 
ATOM 503 C CB  . GLN C 1 84 ? 10.823  9.372   6.933  1.00 134.13 ? 469 GLN C CB  1 
ATOM 504 C CG  . GLN C 1 84 ? 12.310  9.632   6.864  1.00 134.13 ? 469 GLN C CG  1 
ATOM 505 C CD  . GLN C 1 84 ? 12.736  10.253  5.557  1.00 134.13 ? 469 GLN C CD  1 
ATOM 506 O OE1 . GLN C 1 84 ? 13.042  9.553   4.590  1.00 134.13 ? 469 GLN C OE1 1 
ATOM 507 N NE2 . GLN C 1 84 ? 12.770  11.580  5.521  1.00 134.13 ? 469 GLN C NE2 1 
# 
